data_9G5I
#
_entry.id   9G5I
#
_cell.length_a   1.00
_cell.length_b   1.00
_cell.length_c   1.00
_cell.angle_alpha   90.00
_cell.angle_beta   90.00
_cell.angle_gamma   90.00
#
_symmetry.space_group_name_H-M   'P 1'
#
loop_
_entity.id
_entity.type
_entity.pdbx_description
1 polymer 'ALK tyrosine kinase receptor'
2 polymer 'ALK and LTK ligand 2'
#
loop_
_entity_poly.entity_id
_entity_poly.type
_entity_poly.pdbx_seq_one_letter_code
_entity_poly.pdbx_strand_id
1 'polypeptide(L)'
;GTAPKSRNLFERNPNKELKPGENSPRQTPIFDPTVHWLFTTCGASGPHGPTQAQCNNAYQNSNLSVEVGSEGPLKGIQIW
KVPATDTYSISGYGAAGGKGGKNTMMRSHGVSVLGIFNLEKDDMLYILVGQQGEDACPSTNQLIQKVCIGENNVIEEEIR
VNRSVHEWAGGGGGGGGATYVFKMKDGVPVPLIIAAGGGGRAYGAKTDTFHPERLENNSSVLGLNGNSGAAGGGGGWNDN
TSLLWAGKSLQEGATGGHSCPQAMKKWGWETRGGFGGGGGGCSSGGGGGGYIGGNAASNNDPEMDGEDGVSFISPLGILY
TPALKVMEGHGEVNIKHYLNCSHCEVDECHMDPESHKVICFCDHGTVLAEDGVSCIVSP
;
A,B
2 'polypeptide(L)'
;GAEPREPADGQALLRLVVELVQELRKHHSAEHKGLQLLGRDYALGRAEAAGLGPSPEQRVEIVPRDLRMKDKFLKHLTGP
LYFSPKCSKHFHRLYHNTRDCTIPAYYKRCARLLTRLAVSPVCMEDKQ
;
C
#
# COMPACT_ATOMS: atom_id res chain seq x y z
N ASP A 32 -11.16 30.35 0.94
CA ASP A 32 -10.04 29.49 0.48
C ASP A 32 -10.46 28.03 0.55
N PRO A 33 -11.22 27.55 -0.45
CA PRO A 33 -11.70 26.17 -0.42
C PRO A 33 -10.57 25.18 -0.71
N THR A 34 -10.61 24.05 0.00
CA THR A 34 -9.71 22.90 -0.15
C THR A 34 -8.26 23.32 -0.45
N VAL A 35 -7.69 24.10 0.48
CA VAL A 35 -6.30 24.50 0.38
C VAL A 35 -5.49 23.72 1.39
N HIS A 36 -4.94 22.59 0.96
CA HIS A 36 -4.05 21.79 1.81
C HIS A 36 -2.77 21.47 1.02
N TRP A 37 -1.70 21.18 1.76
CA TRP A 37 -0.43 20.85 1.14
C TRP A 37 0.06 19.50 1.63
N LEU A 38 0.47 18.66 0.68
CA LEU A 38 0.86 17.28 0.96
C LEU A 38 2.35 17.14 0.64
N PHE A 39 3.11 16.73 1.66
CA PHE A 39 4.54 16.52 1.55
C PHE A 39 4.81 15.03 1.48
N THR A 40 5.58 14.61 0.48
CA THR A 40 5.87 13.20 0.28
C THR A 40 7.38 12.99 0.24
N THR A 41 7.79 11.78 -0.15
CA THR A 41 9.19 11.45 -0.32
C THR A 41 9.73 11.90 -1.67
N CYS A 42 8.95 12.65 -2.44
CA CYS A 42 9.38 13.22 -3.71
C CYS A 42 9.77 12.15 -4.74
N GLY A 43 9.20 10.96 -4.60
CA GLY A 43 9.53 9.86 -5.48
C GLY A 43 10.76 9.06 -5.04
N ALA A 44 11.43 9.49 -3.97
CA ALA A 44 12.63 8.81 -3.51
C ALA A 44 12.25 7.59 -2.67
N SER A 45 13.23 6.71 -2.49
CA SER A 45 13.02 5.51 -1.72
C SER A 45 14.35 5.09 -1.10
N GLY A 46 14.32 3.98 -0.37
CA GLY A 46 15.55 3.43 0.14
C GLY A 46 16.04 4.20 1.36
N PRO A 47 17.36 4.21 1.61
CA PRO A 47 17.90 4.79 2.83
C PRO A 47 18.30 6.27 2.72
N HIS A 48 18.17 6.86 1.52
CA HIS A 48 18.62 8.23 1.32
C HIS A 48 17.44 9.11 0.93
N GLY A 49 17.41 10.30 1.50
CA GLY A 49 16.31 11.23 1.29
C GLY A 49 16.30 11.81 -0.11
N PRO A 50 15.20 12.50 -0.45
CA PRO A 50 15.08 13.14 -1.76
C PRO A 50 15.97 14.37 -1.86
N THR A 51 16.26 14.76 -3.09
CA THR A 51 17.07 15.94 -3.34
C THR A 51 16.19 17.03 -3.92
N GLN A 52 16.80 18.14 -4.33
CA GLN A 52 16.08 19.29 -4.82
C GLN A 52 15.36 18.97 -6.14
N ALA A 53 16.00 18.23 -7.04
CA ALA A 53 15.44 17.94 -8.34
C ALA A 53 14.17 17.09 -8.21
N GLN A 54 14.20 16.06 -7.36
CA GLN A 54 13.06 15.16 -7.24
C GLN A 54 11.89 15.85 -6.55
N CYS A 55 12.16 16.75 -5.61
CA CYS A 55 11.08 17.46 -4.95
C CYS A 55 10.51 18.55 -5.84
N ASN A 56 11.33 19.19 -6.68
CA ASN A 56 10.79 20.11 -7.65
C ASN A 56 9.96 19.36 -8.69
N ASN A 57 10.37 18.14 -9.03
CA ASN A 57 9.61 17.31 -9.96
C ASN A 57 8.30 16.84 -9.32
N ALA A 58 8.30 16.62 -8.00
CA ALA A 58 7.14 16.08 -7.32
C ALA A 58 6.06 17.14 -7.12
N TYR A 59 6.46 18.40 -6.99
CA TYR A 59 5.55 19.48 -6.66
C TYR A 59 5.35 20.43 -7.83
N GLN A 60 5.23 19.86 -9.03
CA GLN A 60 5.01 20.65 -10.23
C GLN A 60 3.50 20.82 -10.43
N ASN A 61 3.11 22.03 -10.88
CA ASN A 61 1.72 22.37 -11.18
C ASN A 61 0.83 22.16 -9.96
N SER A 62 1.39 22.41 -8.76
CA SER A 62 0.65 22.35 -7.52
C SER A 62 0.86 23.66 -6.77
N ASN A 63 0.24 23.76 -5.59
CA ASN A 63 0.33 24.94 -4.74
C ASN A 63 1.46 24.81 -3.72
N LEU A 64 2.44 23.96 -3.99
CA LEU A 64 3.51 23.70 -3.06
C LEU A 64 4.86 23.89 -3.74
N SER A 65 5.78 24.53 -3.02
CA SER A 65 7.15 24.71 -3.45
C SER A 65 8.06 24.59 -2.23
N VAL A 66 9.04 23.68 -2.33
CA VAL A 66 9.97 23.44 -1.24
C VAL A 66 11.40 23.60 -1.73
N GLU A 67 12.30 23.76 -0.75
CA GLU A 67 13.74 23.67 -0.95
C GLU A 67 14.25 22.46 -0.20
N VAL A 68 15.28 21.82 -0.76
CA VAL A 68 15.87 20.64 -0.13
C VAL A 68 17.30 20.95 0.23
N GLY A 69 17.66 20.67 1.50
CA GLY A 69 19.03 20.81 1.96
C GLY A 69 19.95 19.88 1.17
N SER A 70 21.19 20.33 0.94
CA SER A 70 22.11 19.66 0.04
C SER A 70 23.21 18.91 0.77
N GLU A 71 23.50 19.27 2.02
CA GLU A 71 24.60 18.67 2.75
C GLU A 71 24.31 18.75 4.24
N GLY A 72 25.21 18.16 5.02
CA GLY A 72 25.09 18.21 6.46
C GLY A 72 23.94 17.37 6.95
N PRO A 73 23.54 17.56 8.22
CA PRO A 73 22.40 16.82 8.75
C PRO A 73 21.07 17.16 8.07
N LEU A 74 20.99 18.26 7.32
CA LEU A 74 19.72 18.66 6.73
C LEU A 74 19.64 18.27 5.26
N LYS A 75 20.43 17.32 4.81
CA LYS A 75 20.35 16.89 3.43
C LYS A 75 19.14 15.97 3.25
N GLY A 76 18.17 16.43 2.47
CA GLY A 76 16.95 15.69 2.27
C GLY A 76 15.74 16.23 3.05
N ILE A 77 15.96 17.09 4.04
CA ILE A 77 14.88 17.68 4.81
C ILE A 77 14.32 18.90 4.07
N GLN A 78 13.00 18.90 3.82
CA GLN A 78 12.38 19.88 2.96
C GLN A 78 12.06 21.17 3.70
N ILE A 79 12.19 22.29 2.98
CA ILE A 79 11.98 23.61 3.54
C ILE A 79 10.58 24.06 3.17
N TRP A 80 9.82 24.57 4.14
CA TRP A 80 8.49 25.07 3.83
C TRP A 80 8.24 26.39 4.53
N LYS A 81 7.64 27.33 3.81
CA LYS A 81 7.31 28.63 4.36
C LYS A 81 5.84 28.66 4.69
N VAL A 82 5.52 29.02 5.94
CA VAL A 82 4.14 29.04 6.41
C VAL A 82 3.45 30.26 5.83
N PRO A 83 2.36 30.09 5.06
CA PRO A 83 1.82 31.20 4.29
C PRO A 83 1.03 32.21 5.10
N ALA A 84 0.57 31.83 6.30
CA ALA A 84 -0.22 32.74 7.11
C ALA A 84 -0.10 32.39 8.58
N THR A 85 -0.32 33.38 9.44
CA THR A 85 -0.38 33.16 10.87
C THR A 85 -1.77 32.65 11.19
N ASP A 86 -1.89 31.36 11.46
CA ASP A 86 -3.20 30.71 11.60
C ASP A 86 -3.00 29.43 12.39
N THR A 87 -4.12 28.86 12.80
CA THR A 87 -4.11 27.55 13.42
C THR A 87 -4.13 26.52 12.30
N TYR A 88 -3.15 25.59 12.33
CA TYR A 88 -3.00 24.58 11.30
C TYR A 88 -3.12 23.19 11.90
N SER A 89 -3.73 22.29 11.13
CA SER A 89 -3.72 20.88 11.46
C SER A 89 -2.61 20.25 10.64
N ILE A 90 -1.69 19.56 11.33
CA ILE A 90 -0.59 18.88 10.67
C ILE A 90 -0.69 17.40 10.98
N SER A 91 -0.68 16.57 9.92
CA SER A 91 -0.84 15.13 10.06
C SER A 91 0.41 14.46 9.50
N GLY A 92 1.16 13.78 10.37
CA GLY A 92 2.40 13.16 9.97
C GLY A 92 2.26 11.65 10.00
N TYR A 93 2.59 11.03 8.86
CA TYR A 93 2.46 9.60 8.69
C TYR A 93 3.84 9.01 8.46
N GLY A 94 4.27 8.12 9.35
CA GLY A 94 5.56 7.46 9.23
C GLY A 94 5.57 6.45 8.09
N ALA A 95 6.72 5.81 7.91
CA ALA A 95 6.89 4.84 6.85
C ALA A 95 6.85 3.44 7.44
N ALA A 96 6.37 2.50 6.60
CA ALA A 96 6.26 1.12 7.00
C ALA A 96 7.63 0.45 6.89
N GLY A 97 7.83 -0.57 7.72
CA GLY A 97 9.02 -1.37 7.64
C GLY A 97 9.02 -2.31 6.44
N GLY A 98 10.14 -3.00 6.28
CA GLY A 98 10.27 -3.94 5.17
C GLY A 98 9.67 -5.30 5.50
N LYS A 99 9.27 -6.03 4.46
CA LYS A 99 8.79 -7.37 4.63
C LYS A 99 9.95 -8.34 4.85
N GLY A 100 9.64 -9.50 5.41
CA GLY A 100 10.64 -10.50 5.70
C GLY A 100 11.07 -11.28 4.48
N GLY A 101 11.98 -12.24 4.72
CA GLY A 101 12.48 -13.06 3.63
C GLY A 101 11.37 -13.90 3.03
N LYS A 102 10.59 -14.57 3.90
CA LYS A 102 9.37 -15.21 3.47
C LYS A 102 8.26 -14.16 3.48
N ASN A 103 8.26 -13.29 2.47
CA ASN A 103 7.47 -12.08 2.50
C ASN A 103 5.99 -12.40 2.30
N THR A 104 5.41 -13.04 3.33
CA THR A 104 4.00 -13.40 3.34
C THR A 104 3.22 -12.59 4.37
N MET A 105 3.79 -12.39 5.56
CA MET A 105 3.11 -11.60 6.58
C MET A 105 3.12 -10.12 6.19
N MET A 106 2.18 -9.37 6.75
CA MET A 106 2.08 -7.95 6.47
C MET A 106 3.27 -7.23 7.09
N ARG A 107 3.65 -6.12 6.45
CA ARG A 107 4.69 -5.27 7.01
C ARG A 107 4.16 -4.44 8.16
N SER A 108 5.05 -4.14 9.13
CA SER A 108 4.71 -3.26 10.24
C SER A 108 4.40 -1.86 9.73
N HIS A 109 3.30 -1.27 10.19
CA HIS A 109 2.74 -0.08 9.55
C HIS A 109 3.30 1.20 10.18
N GLY A 110 3.35 2.24 9.37
CA GLY A 110 3.82 3.53 9.87
C GLY A 110 2.74 4.21 10.71
N VAL A 111 3.16 4.75 11.85
CA VAL A 111 2.26 5.38 12.82
C VAL A 111 1.85 6.75 12.34
N SER A 112 0.59 7.10 12.62
CA SER A 112 -0.02 8.35 12.22
C SER A 112 -0.18 9.24 13.44
N VAL A 113 0.25 10.49 13.32
CA VAL A 113 0.11 11.47 14.39
C VAL A 113 -0.59 12.69 13.84
N LEU A 114 -1.68 13.10 14.48
CA LEU A 114 -2.43 14.28 14.05
C LEU A 114 -2.31 15.32 15.15
N GLY A 115 -1.97 16.55 14.76
CA GLY A 115 -1.79 17.59 15.75
C GLY A 115 -2.40 18.90 15.29
N ILE A 116 -2.72 19.73 16.29
CA ILE A 116 -3.24 21.06 16.09
C ILE A 116 -2.23 22.06 16.62
N PHE A 117 -1.72 22.94 15.74
CA PHE A 117 -0.64 23.86 16.08
C PHE A 117 -1.03 25.28 15.68
N ASN A 118 -0.29 26.25 16.21
CA ASN A 118 -0.45 27.64 15.84
C ASN A 118 0.83 28.12 15.15
N LEU A 119 0.71 28.61 13.92
CA LEU A 119 1.86 28.89 13.08
C LEU A 119 1.87 30.35 12.68
N GLU A 120 3.05 30.98 12.75
CA GLU A 120 3.20 32.40 12.45
C GLU A 120 3.51 32.57 10.97
N LYS A 121 3.46 33.81 10.51
CA LYS A 121 3.72 34.11 9.11
C LYS A 121 5.20 33.94 8.82
N ASP A 122 5.48 33.30 7.68
CA ASP A 122 6.83 33.11 7.15
C ASP A 122 7.72 32.38 8.14
N ASP A 123 7.27 31.23 8.63
CA ASP A 123 8.16 30.35 9.39
C ASP A 123 8.79 29.33 8.45
N MET A 124 10.02 28.91 8.75
CA MET A 124 10.71 27.93 7.93
C MET A 124 10.57 26.57 8.62
N LEU A 125 9.45 25.89 8.33
CA LEU A 125 9.24 24.53 8.80
C LEU A 125 10.17 23.56 8.04
N TYR A 126 10.65 22.55 8.78
CA TYR A 126 11.58 21.58 8.26
C TYR A 126 10.93 20.23 8.30
N ILE A 127 10.73 19.61 7.13
CA ILE A 127 9.91 18.43 7.03
C ILE A 127 10.73 17.30 6.42
N LEU A 128 11.02 16.30 7.26
CA LEU A 128 11.65 15.05 6.86
C LEU A 128 10.57 14.02 6.68
N VAL A 129 10.32 13.63 5.42
CA VAL A 129 9.31 12.64 5.11
C VAL A 129 9.97 11.29 5.11
N GLY A 130 9.49 10.39 5.97
CA GLY A 130 10.07 9.08 6.12
C GLY A 130 9.92 8.22 4.87
N GLN A 131 10.91 7.36 4.62
CA GLN A 131 10.92 6.49 3.47
C GLN A 131 10.86 5.04 3.93
N GLN A 132 10.23 4.19 3.10
CA GLN A 132 9.93 2.83 3.49
C GLN A 132 11.21 2.01 3.58
N GLY A 133 11.30 1.19 4.63
CA GLY A 133 12.37 0.22 4.74
C GLY A 133 12.31 -0.81 3.62
N GLU A 134 13.46 -1.18 3.07
CA GLU A 134 13.51 -2.08 1.93
C GLU A 134 13.11 -3.49 2.36
N ASP A 135 12.37 -4.18 1.49
CA ASP A 135 11.93 -5.54 1.73
C ASP A 135 13.12 -6.49 1.60
N ALA A 136 13.03 -7.61 2.32
CA ALA A 136 14.05 -8.65 2.26
C ALA A 136 14.04 -9.33 0.90
N CYS A 137 12.84 -9.67 0.42
CA CYS A 137 12.66 -10.27 -0.90
C CYS A 137 11.63 -9.46 -1.67
N PRO A 138 11.66 -9.41 -3.01
CA PRO A 138 12.66 -10.06 -3.89
C PRO A 138 14.00 -9.36 -3.98
N SER A 139 14.98 -10.06 -4.59
CA SER A 139 16.29 -9.51 -4.88
C SER A 139 16.69 -9.82 -6.31
N THR A 140 17.62 -9.02 -6.84
CA THR A 140 18.07 -9.18 -8.21
C THR A 140 19.05 -10.35 -8.34
N ASN A 141 19.72 -10.73 -7.25
CA ASN A 141 20.66 -11.84 -7.30
C ASN A 141 19.90 -13.15 -7.50
N GLN A 142 20.46 -14.03 -8.34
CA GLN A 142 19.78 -15.26 -8.72
C GLN A 142 19.72 -16.24 -7.54
N LEU A 143 20.84 -16.40 -6.83
CA LEU A 143 20.89 -17.28 -5.68
C LEU A 143 19.91 -16.79 -4.61
N ILE A 144 19.85 -15.48 -4.41
CA ILE A 144 19.00 -14.94 -3.37
C ILE A 144 17.53 -15.11 -3.73
N GLN A 145 17.15 -14.89 -4.99
CA GLN A 145 15.78 -15.14 -5.40
C GLN A 145 15.44 -16.62 -5.27
N LYS A 146 16.42 -17.50 -5.53
CA LYS A 146 16.23 -18.92 -5.36
C LYS A 146 15.97 -19.26 -3.89
N VAL A 147 16.61 -18.53 -2.99
CA VAL A 147 16.31 -18.68 -1.57
C VAL A 147 14.90 -18.19 -1.29
N CYS A 148 14.53 -17.04 -1.86
CA CYS A 148 13.25 -16.39 -1.54
C CYS A 148 12.05 -17.26 -1.97
N ILE A 149 12.13 -17.87 -3.17
CA ILE A 149 11.00 -18.63 -3.70
C ILE A 149 10.83 -19.94 -2.95
N GLY A 150 11.92 -20.64 -2.66
CA GLY A 150 11.79 -21.84 -1.85
C GLY A 150 12.65 -23.03 -2.27
N GLU A 151 13.41 -22.89 -3.36
CA GLU A 151 14.28 -23.98 -3.79
C GLU A 151 15.48 -24.16 -2.86
N ASN A 152 15.85 -23.11 -2.11
CA ASN A 152 16.95 -23.19 -1.16
C ASN A 152 16.42 -23.20 0.27
N ASN A 153 17.06 -24.02 1.12
CA ASN A 153 16.66 -24.12 2.52
C ASN A 153 17.88 -24.16 3.44
N VAL A 154 18.97 -23.51 3.06
CA VAL A 154 20.17 -23.49 3.89
C VAL A 154 19.91 -22.77 5.21
N ILE A 155 19.05 -21.76 5.18
CA ILE A 155 18.67 -21.10 6.42
C ILE A 155 17.78 -22.05 7.24
N GLU A 156 16.88 -22.75 6.58
CA GLU A 156 15.95 -23.64 7.26
C GLU A 156 16.69 -24.86 7.82
N GLU A 157 17.65 -25.39 7.07
CA GLU A 157 18.45 -26.50 7.57
C GLU A 157 19.41 -26.01 8.68
N GLU A 158 19.91 -24.79 8.51
CA GLU A 158 20.81 -24.17 9.47
C GLU A 158 20.09 -24.01 10.81
N ILE A 159 18.81 -23.63 10.78
CA ILE A 159 18.00 -23.83 11.95
C ILE A 159 17.37 -25.21 11.85
N ARG A 160 18.21 -26.24 11.82
CA ARG A 160 17.88 -27.59 12.27
C ARG A 160 19.16 -28.18 12.88
N VAL A 161 20.31 -27.65 12.45
CA VAL A 161 21.58 -28.23 12.84
C VAL A 161 22.22 -27.47 14.02
N ASN A 162 22.07 -26.14 14.06
CA ASN A 162 22.58 -25.37 15.18
C ASN A 162 21.64 -24.24 15.60
N ARG A 163 20.50 -24.08 14.93
CA ARG A 163 19.42 -23.15 15.29
C ARG A 163 19.91 -21.71 15.48
N SER A 164 21.02 -21.35 14.80
CA SER A 164 21.58 -20.03 14.92
C SER A 164 22.10 -19.59 13.56
N VAL A 165 21.45 -18.54 13.02
CA VAL A 165 21.80 -18.04 11.72
C VAL A 165 23.03 -17.15 11.81
N HIS A 166 24.23 -17.72 11.55
CA HIS A 166 25.44 -16.92 11.57
C HIS A 166 26.37 -17.19 10.40
N GLU A 167 26.23 -18.31 9.68
CA GLU A 167 27.05 -18.57 8.49
C GLU A 167 26.50 -17.83 7.26
N TRP A 168 25.26 -18.13 6.88
CA TRP A 168 24.47 -17.23 6.06
C TRP A 168 23.71 -16.29 7.01
N ALA A 169 22.93 -15.38 6.42
CA ALA A 169 22.12 -14.44 7.20
C ALA A 169 20.67 -14.57 6.76
N GLY A 170 19.75 -14.36 7.69
CA GLY A 170 18.33 -14.47 7.38
C GLY A 170 17.81 -13.21 6.67
N GLY A 171 16.49 -13.19 6.51
CA GLY A 171 15.84 -12.13 5.80
C GLY A 171 15.02 -11.20 6.70
N GLY A 172 15.51 -9.99 6.88
CA GLY A 172 14.77 -9.00 7.67
C GLY A 172 14.64 -7.70 6.90
N GLY A 173 13.44 -7.18 6.79
CA GLY A 173 13.24 -5.92 6.10
C GLY A 173 13.82 -4.77 6.93
N GLY A 174 14.16 -3.69 6.23
CA GLY A 174 14.65 -2.50 6.90
C GLY A 174 13.56 -1.80 7.69
N GLY A 175 13.95 -1.16 8.78
CA GLY A 175 13.01 -0.40 9.60
C GLY A 175 12.50 0.81 8.83
N GLY A 176 11.38 1.31 9.31
CA GLY A 176 10.73 2.39 8.59
C GLY A 176 11.29 3.75 8.97
N GLY A 177 11.19 4.66 8.02
CA GLY A 177 11.63 6.02 8.27
C GLY A 177 10.58 6.88 8.92
N ALA A 178 10.88 7.46 10.09
CA ALA A 178 9.94 8.29 10.80
C ALA A 178 9.70 9.58 10.04
N THR A 179 8.59 10.25 10.40
CA THR A 179 8.23 11.51 9.79
C THR A 179 8.42 12.62 10.82
N TYR A 180 9.18 13.66 10.41
CA TYR A 180 9.54 14.75 11.30
C TYR A 180 9.11 16.06 10.69
N VAL A 181 8.43 16.89 11.51
CA VAL A 181 8.19 18.28 11.22
C VAL A 181 8.73 19.07 12.40
N PHE A 182 9.72 19.93 12.14
CA PHE A 182 10.36 20.64 13.23
C PHE A 182 10.70 22.06 12.74
N LYS A 183 11.25 22.85 13.67
CA LYS A 183 11.59 24.23 13.39
C LYS A 183 12.80 24.63 14.24
N MET A 184 13.37 25.79 13.89
CA MET A 184 14.54 26.31 14.60
C MET A 184 14.13 27.39 15.60
N LYS A 185 14.74 27.37 16.78
CA LYS A 185 14.89 28.56 17.59
C LYS A 185 16.39 28.68 17.93
N ASP A 186 16.94 29.88 17.70
CA ASP A 186 18.35 30.16 17.94
C ASP A 186 19.27 29.18 17.22
N GLY A 187 18.79 28.61 16.11
CA GLY A 187 19.55 27.60 15.39
C GLY A 187 19.46 26.20 15.99
N VAL A 188 18.61 26.00 17.00
CA VAL A 188 18.44 24.71 17.64
C VAL A 188 17.11 24.11 17.17
N PRO A 189 17.09 22.84 16.72
CA PRO A 189 15.85 22.23 16.26
C PRO A 189 14.82 22.12 17.38
N VAL A 190 13.55 22.28 16.99
CA VAL A 190 12.45 22.20 17.93
C VAL A 190 11.46 21.21 17.36
N PRO A 191 11.18 20.07 18.03
CA PRO A 191 10.25 19.08 17.47
C PRO A 191 8.80 19.55 17.56
N LEU A 192 8.07 19.41 16.44
CA LEU A 192 6.64 19.69 16.41
C LEU A 192 5.81 18.41 16.19
N ILE A 193 6.08 17.69 15.11
CA ILE A 193 5.38 16.44 14.82
C ILE A 193 6.42 15.37 14.55
N ILE A 194 6.35 14.26 15.28
CA ILE A 194 7.22 13.13 15.00
C ILE A 194 6.38 11.86 15.03
N ALA A 195 6.24 11.20 13.87
CA ALA A 195 5.47 9.98 13.73
C ALA A 195 6.41 8.80 13.46
N ALA A 196 6.41 7.81 14.36
CA ALA A 196 7.42 6.74 14.34
C ALA A 196 7.21 5.85 13.13
N GLY A 197 8.30 5.26 12.66
CA GLY A 197 8.27 4.45 11.45
C GLY A 197 8.06 2.98 11.83
N GLY A 198 7.63 2.20 10.81
CA GLY A 198 7.32 0.82 11.04
C GLY A 198 8.55 -0.03 11.25
N GLY A 199 8.47 -0.99 12.16
CA GLY A 199 9.58 -1.91 12.37
C GLY A 199 9.74 -2.91 11.23
N GLY A 200 10.83 -3.63 11.26
CA GLY A 200 11.12 -4.58 10.20
C GLY A 200 10.58 -5.98 10.48
N ARG A 201 10.24 -6.69 9.41
CA ARG A 201 9.73 -8.04 9.50
C ARG A 201 10.87 -9.05 9.41
N ALA A 202 11.04 -9.86 10.44
CA ALA A 202 12.12 -10.82 10.50
C ALA A 202 11.87 -11.98 9.53
N TYR A 203 12.76 -12.98 9.56
CA TYR A 203 12.60 -14.13 8.70
C TYR A 203 11.47 -15.03 9.21
N GLY A 204 11.53 -15.36 10.50
CA GLY A 204 10.54 -16.27 11.07
C GLY A 204 9.37 -15.50 11.67
N ALA A 205 8.85 -14.54 10.90
CA ALA A 205 7.72 -13.74 11.37
C ALA A 205 6.42 -14.50 11.16
N LYS A 206 6.25 -15.57 11.93
CA LYS A 206 5.07 -16.42 11.81
C LYS A 206 3.81 -15.73 12.34
N THR A 207 3.97 -14.73 13.21
CA THR A 207 2.86 -14.01 13.80
C THR A 207 2.83 -12.58 13.28
N ASP A 208 1.76 -11.87 13.61
CA ASP A 208 1.55 -10.51 13.12
C ASP A 208 1.29 -9.52 14.23
N THR A 209 1.55 -9.90 15.49
CA THR A 209 1.25 -9.02 16.61
C THR A 209 2.17 -7.82 16.61
N PHE A 210 1.64 -6.66 17.03
CA PHE A 210 2.42 -5.45 17.16
C PHE A 210 2.23 -4.91 18.58
N HIS A 211 3.29 -4.31 19.11
CA HIS A 211 3.22 -3.72 20.44
C HIS A 211 2.31 -2.50 20.43
N PRO A 212 1.73 -2.12 21.58
CA PRO A 212 0.88 -0.94 21.63
C PRO A 212 1.65 0.32 21.24
N GLU A 213 0.94 1.21 20.54
CA GLU A 213 1.57 2.31 19.81
C GLU A 213 2.04 3.38 20.79
N ARG A 214 3.35 3.62 20.81
CA ARG A 214 3.97 4.45 21.83
C ARG A 214 4.04 5.90 21.36
N LEU A 215 3.34 6.76 22.11
CA LEU A 215 3.36 8.20 21.85
C LEU A 215 3.89 8.91 23.09
N GLU A 216 4.69 9.95 22.84
CA GLU A 216 5.25 10.75 23.90
C GLU A 216 4.93 12.22 23.63
N ASN A 217 4.59 12.95 24.70
CA ASN A 217 4.20 14.34 24.57
C ASN A 217 5.25 15.26 25.16
N ASN A 218 5.78 14.90 26.33
CA ASN A 218 6.80 15.72 26.97
C ASN A 218 8.10 15.61 26.19
N SER A 219 8.74 16.75 25.93
CA SER A 219 9.96 16.79 25.13
C SER A 219 11.22 16.72 25.98
N SER A 220 11.09 16.67 27.31
CA SER A 220 12.25 16.69 28.20
C SER A 220 13.07 15.40 28.12
N VAL A 221 12.43 14.31 27.66
CA VAL A 221 13.16 13.06 27.50
C VAL A 221 13.90 13.11 26.17
N LEU A 222 15.22 12.86 26.23
CA LEU A 222 16.08 13.04 25.07
C LEU A 222 15.75 11.96 24.05
N GLY A 223 15.89 12.31 22.76
CA GLY A 223 15.53 11.41 21.68
C GLY A 223 16.66 10.47 21.28
N LEU A 224 16.98 9.51 22.13
CA LEU A 224 18.02 8.54 21.87
C LEU A 224 17.62 7.63 20.71
N ASN A 225 18.54 6.76 20.30
CA ASN A 225 18.28 5.76 19.27
C ASN A 225 17.95 4.42 19.94
N GLY A 226 17.39 3.53 19.11
CA GLY A 226 17.08 2.19 19.59
C GLY A 226 18.32 1.32 19.64
N ASN A 227 18.21 0.21 20.36
CA ASN A 227 19.31 -0.73 20.49
C ASN A 227 19.57 -1.43 19.16
N SER A 228 20.85 -1.53 18.79
CA SER A 228 21.25 -2.19 17.54
C SER A 228 22.19 -3.34 17.88
N GLY A 229 21.81 -4.55 17.50
CA GLY A 229 22.66 -5.70 17.72
C GLY A 229 23.12 -6.29 16.40
N ALA A 230 22.62 -7.48 16.08
CA ALA A 230 22.86 -8.08 14.78
C ALA A 230 22.16 -7.28 13.68
N ALA A 231 20.99 -6.73 14.01
CA ALA A 231 20.27 -5.84 13.12
C ALA A 231 20.33 -4.42 13.67
N GLY A 232 19.96 -3.46 12.80
CA GLY A 232 20.09 -2.04 13.15
C GLY A 232 18.85 -1.49 13.82
N GLY A 233 19.03 -0.84 14.96
CA GLY A 233 17.96 -0.15 15.64
C GLY A 233 17.58 1.14 14.90
N GLY A 234 16.51 1.73 15.36
CA GLY A 234 16.03 2.94 14.72
C GLY A 234 16.79 4.17 15.13
N GLY A 235 16.62 5.21 14.32
CA GLY A 235 17.29 6.46 14.60
C GLY A 235 16.37 7.47 15.25
N GLY A 236 16.72 7.88 16.47
CA GLY A 236 15.88 8.77 17.26
C GLY A 236 15.94 10.23 16.81
N TRP A 237 15.73 11.16 17.76
CA TRP A 237 15.76 12.58 17.46
C TRP A 237 17.20 13.07 17.32
N ASN A 238 18.00 12.97 18.38
CA ASN A 238 19.40 13.32 18.35
C ASN A 238 20.16 12.33 19.24
N ASP A 239 21.07 11.59 18.63
CA ASP A 239 21.96 10.70 19.34
C ASP A 239 23.23 10.54 18.51
N ASN A 240 24.32 10.12 19.16
CA ASN A 240 25.55 9.79 18.48
C ASN A 240 25.50 8.33 18.04
N THR A 241 25.38 8.10 16.73
CA THR A 241 25.34 6.75 16.19
C THR A 241 26.70 6.42 15.59
N SER A 242 27.30 5.32 16.08
CA SER A 242 28.59 4.86 15.58
C SER A 242 28.45 3.61 14.72
N LEU A 243 27.43 2.80 14.96
CA LEU A 243 27.23 1.57 14.21
C LEU A 243 26.84 1.89 12.77
N LEU A 244 27.43 1.15 11.83
CA LEU A 244 27.28 1.47 10.42
C LEU A 244 25.92 0.97 9.92
N TRP A 245 25.45 -0.17 10.42
CA TRP A 245 24.18 -0.74 9.96
C TRP A 245 22.98 -0.06 10.58
N ALA A 246 23.16 0.60 11.73
CA ALA A 246 22.07 1.29 12.40
C ALA A 246 21.68 2.56 11.65
N GLY A 247 20.45 2.99 11.84
CA GLY A 247 19.98 4.23 11.28
C GLY A 247 20.45 5.41 12.11
N LYS A 248 20.45 6.59 11.44
CA LYS A 248 20.96 7.79 12.05
C LYS A 248 19.84 8.61 12.66
N SER A 249 20.16 9.36 13.70
CA SER A 249 19.24 10.35 14.23
C SER A 249 19.16 11.54 13.29
N LEU A 250 18.13 12.38 13.47
CA LEU A 250 17.88 13.47 12.54
C LEU A 250 18.96 14.53 12.62
N GLN A 251 19.45 14.82 13.83
CA GLN A 251 20.44 15.87 13.94
C GLN A 251 21.82 15.43 13.46
N GLU A 252 21.92 14.23 12.84
CA GLU A 252 23.12 13.81 12.15
C GLU A 252 22.82 13.22 10.78
N GLY A 253 21.64 13.54 10.22
CA GLY A 253 21.34 13.19 8.83
C GLY A 253 20.09 12.35 8.67
N ALA A 254 19.80 11.48 9.66
CA ALA A 254 18.70 10.50 9.65
C ALA A 254 18.76 9.61 8.40
N THR A 255 19.97 9.18 8.04
CA THR A 255 20.15 8.28 6.91
C THR A 255 19.79 6.88 7.33
N GLY A 256 19.19 6.12 6.39
CA GLY A 256 18.93 4.71 6.63
C GLY A 256 20.21 3.89 6.64
N GLY A 257 20.30 2.98 7.61
CA GLY A 257 21.51 2.19 7.80
C GLY A 257 21.73 1.15 6.69
N HIS A 258 22.88 0.52 6.74
CA HIS A 258 23.23 -0.56 5.83
C HIS A 258 22.76 -1.90 6.42
N SER A 259 22.89 -2.98 5.63
CA SER A 259 22.63 -4.31 6.14
C SER A 259 23.76 -4.75 7.05
N CYS A 260 23.52 -5.82 7.80
CA CYS A 260 24.52 -6.36 8.68
C CYS A 260 25.70 -6.91 7.86
N PRO A 261 26.94 -6.84 8.39
CA PRO A 261 28.09 -7.29 7.62
C PRO A 261 28.08 -8.79 7.31
N GLN A 262 27.41 -9.60 8.14
CA GLN A 262 27.27 -11.02 7.85
C GLN A 262 26.46 -11.23 6.57
N ALA A 263 25.44 -10.40 6.35
CA ALA A 263 24.70 -10.43 5.10
C ALA A 263 25.45 -9.71 3.98
N MET A 264 26.40 -8.85 4.33
CA MET A 264 27.14 -8.11 3.32
C MET A 264 28.13 -9.04 2.59
N LYS A 265 28.80 -9.92 3.35
CA LYS A 265 29.80 -10.81 2.79
C LYS A 265 29.25 -12.23 2.73
N LYS A 266 29.61 -12.91 1.65
CA LYS A 266 29.26 -14.30 1.33
C LYS A 266 27.77 -14.59 1.47
N TRP A 267 26.93 -13.55 1.45
CA TRP A 267 25.50 -13.81 1.39
C TRP A 267 24.84 -12.79 0.47
N GLY A 268 25.47 -11.64 0.29
CA GLY A 268 25.06 -10.65 -0.71
C GLY A 268 23.67 -10.04 -0.49
N TRP A 269 23.37 -9.60 0.74
CA TRP A 269 22.10 -8.97 1.05
C TRP A 269 22.29 -7.50 1.37
N GLU A 270 21.45 -6.65 0.77
CA GLU A 270 21.58 -5.20 0.91
C GLU A 270 20.20 -4.62 1.28
N THR A 271 19.57 -5.22 2.29
CA THR A 271 18.27 -4.76 2.75
C THR A 271 18.47 -3.60 3.71
N ARG A 272 18.71 -2.43 3.12
CA ARG A 272 18.94 -1.23 3.91
C ARG A 272 17.61 -0.71 4.47
N GLY A 273 17.71 0.23 5.38
CA GLY A 273 16.55 0.85 5.99
C GLY A 273 15.99 1.99 5.16
N GLY A 274 15.13 2.76 5.80
CA GLY A 274 14.50 3.89 5.17
C GLY A 274 15.04 5.22 5.67
N PHE A 275 14.83 6.27 4.88
CA PHE A 275 15.23 7.59 5.27
C PHE A 275 14.45 8.08 6.46
N GLY A 276 15.12 8.42 7.53
CA GLY A 276 14.45 8.87 8.72
C GLY A 276 14.72 7.95 9.91
N GLY A 277 15.88 7.29 9.91
CA GLY A 277 16.26 6.47 11.04
C GLY A 277 15.97 4.99 10.82
N GLY A 278 15.71 4.59 9.55
CA GLY A 278 15.44 3.19 9.25
C GLY A 278 16.59 2.26 9.60
N GLY A 279 16.32 1.25 10.42
CA GLY A 279 17.35 0.35 10.87
C GLY A 279 17.82 -0.60 9.75
N GLY A 280 18.88 -1.33 10.05
CA GLY A 280 19.47 -2.19 9.07
C GLY A 280 18.91 -3.59 9.11
N GLY A 281 18.62 -4.15 7.94
CA GLY A 281 18.07 -5.48 7.83
C GLY A 281 19.13 -6.56 8.00
N CYS A 282 18.77 -7.58 8.79
CA CYS A 282 19.63 -8.74 9.00
C CYS A 282 18.72 -9.95 9.17
N SER A 283 19.20 -11.00 9.84
CA SER A 283 18.34 -12.13 10.15
C SER A 283 17.15 -11.69 11.00
N SER A 284 17.39 -10.75 11.90
CA SER A 284 16.33 -10.16 12.69
C SER A 284 15.72 -9.01 11.88
N GLY A 285 14.91 -8.19 12.54
CA GLY A 285 14.27 -7.07 11.87
C GLY A 285 14.92 -5.77 12.27
N GLY A 286 14.98 -4.85 11.30
CA GLY A 286 15.52 -3.53 11.56
C GLY A 286 14.59 -2.68 12.39
N GLY A 287 15.13 -2.00 13.40
CA GLY A 287 14.33 -1.17 14.28
C GLY A 287 13.74 0.03 13.55
N GLY A 288 12.72 0.62 14.14
CA GLY A 288 12.00 1.70 13.51
C GLY A 288 12.45 3.08 14.02
N GLY A 289 12.44 4.04 13.08
CA GLY A 289 12.72 5.41 13.44
C GLY A 289 11.65 6.06 14.29
N GLY A 290 11.98 7.20 14.85
CA GLY A 290 11.04 7.95 15.65
C GLY A 290 11.74 9.01 16.46
N TYR A 291 11.03 9.55 17.43
CA TYR A 291 11.64 10.39 18.43
C TYR A 291 12.61 9.54 19.26
N ILE A 292 12.21 8.33 19.65
CA ILE A 292 13.10 7.32 20.19
C ILE A 292 13.10 6.14 19.24
N GLY A 293 14.26 5.68 18.83
CA GLY A 293 14.35 4.67 17.82
C GLY A 293 13.86 3.31 18.31
N GLY A 294 13.43 2.50 17.34
CA GLY A 294 12.94 1.16 17.65
C GLY A 294 14.07 0.21 17.94
N ASN A 295 13.98 -0.49 19.08
CA ASN A 295 15.02 -1.42 19.47
C ASN A 295 15.06 -2.60 18.51
N ALA A 296 16.27 -3.09 18.23
CA ALA A 296 16.45 -4.27 17.39
C ALA A 296 16.90 -5.42 18.27
N ALA A 297 17.21 -6.55 17.62
CA ALA A 297 17.58 -7.74 18.39
C ALA A 297 19.08 -7.74 18.61
N SER A 298 19.50 -7.81 19.89
CA SER A 298 20.92 -7.88 20.21
C SER A 298 21.53 -9.14 19.61
N ASN A 299 20.84 -10.28 19.79
CA ASN A 299 21.21 -11.51 19.13
C ASN A 299 20.62 -11.54 17.72
N ASN A 300 20.98 -12.56 16.96
CA ASN A 300 20.47 -12.70 15.59
C ASN A 300 19.30 -13.67 15.60
N ASP A 301 18.23 -13.27 16.28
CA ASP A 301 17.04 -14.10 16.36
C ASP A 301 16.25 -13.89 15.08
N PRO A 302 16.02 -14.94 14.27
CA PRO A 302 15.33 -14.75 13.00
C PRO A 302 13.82 -14.68 13.12
N GLU A 303 13.28 -14.90 14.34
CA GLU A 303 11.84 -14.80 14.58
C GLU A 303 11.48 -13.54 15.37
N MET A 304 12.47 -12.76 15.84
CA MET A 304 12.22 -11.52 16.54
C MET A 304 12.27 -10.40 15.51
N ASP A 305 11.17 -9.68 15.38
CA ASP A 305 11.02 -8.67 14.35
C ASP A 305 11.66 -7.37 14.79
N GLY A 306 11.51 -6.34 13.95
CA GLY A 306 11.97 -5.01 14.30
C GLY A 306 10.92 -4.23 15.06
N GLU A 307 11.29 -3.72 16.23
CA GLU A 307 10.32 -3.02 17.07
C GLU A 307 10.02 -1.66 16.47
N ASP A 308 8.86 -1.13 16.82
CA ASP A 308 8.47 0.20 16.39
C ASP A 308 9.16 1.26 17.23
N GLY A 309 9.17 2.48 16.70
CA GLY A 309 9.72 3.62 17.41
C GLY A 309 8.69 4.25 18.34
N VAL A 310 9.03 5.43 18.83
CA VAL A 310 8.18 6.23 19.69
C VAL A 310 7.85 7.52 18.96
N SER A 311 6.57 7.76 18.72
CA SER A 311 6.14 8.98 18.08
C SER A 311 6.12 10.11 19.10
N PHE A 312 6.13 11.35 18.60
CA PHE A 312 6.16 12.52 19.46
C PHE A 312 5.17 13.56 19.01
N ILE A 313 4.52 14.20 20.00
CA ILE A 313 3.65 15.36 19.78
C ILE A 313 4.19 16.51 20.62
N SER A 314 4.23 17.70 20.01
CA SER A 314 4.84 18.86 20.67
C SER A 314 3.97 19.33 21.81
N PRO A 315 4.56 19.85 22.91
CA PRO A 315 3.76 20.50 23.95
C PRO A 315 2.96 21.72 23.47
N LEU A 316 3.42 22.37 22.41
CA LEU A 316 2.75 23.54 21.87
C LEU A 316 1.57 23.14 20.99
N GLY A 317 1.42 21.87 20.69
CA GLY A 317 0.30 21.42 19.86
C GLY A 317 -0.76 20.66 20.66
N ILE A 318 -1.85 20.34 19.97
CA ILE A 318 -2.97 19.63 20.56
C ILE A 318 -3.13 18.29 19.85
N LEU A 319 -3.17 17.20 20.63
CA LEU A 319 -3.35 15.88 20.05
C LEU A 319 -4.79 15.68 19.60
N TYR A 320 -4.95 15.21 18.36
CA TYR A 320 -6.28 15.11 17.75
C TYR A 320 -6.94 13.78 18.05
N THR A 321 -6.26 12.69 17.67
CA THR A 321 -6.72 11.32 17.89
C THR A 321 -5.55 10.51 18.42
N PRO A 322 -5.77 9.37 19.08
CA PRO A 322 -4.66 8.51 19.44
C PRO A 322 -3.85 8.11 18.22
N ALA A 323 -2.54 7.97 18.41
CA ALA A 323 -1.66 7.53 17.34
C ALA A 323 -1.98 6.10 16.95
N LEU A 324 -2.01 5.85 15.64
CA LEU A 324 -2.42 4.56 15.13
C LEU A 324 -1.47 4.13 14.02
N LYS A 325 -1.09 2.85 14.04
CA LYS A 325 -0.32 2.28 12.95
C LYS A 325 -1.19 2.16 11.69
N VAL A 326 -0.88 2.96 10.68
CA VAL A 326 -1.81 3.14 9.59
C VAL A 326 -1.15 2.88 8.25
N MET A 327 -0.02 3.52 7.97
CA MET A 327 0.46 3.62 6.59
C MET A 327 1.24 2.38 6.15
N GLU A 328 1.17 2.07 4.85
CA GLU A 328 1.73 0.84 4.30
C GLU A 328 3.01 1.07 3.49
N GLY A 329 3.37 2.32 3.22
CA GLY A 329 4.52 2.58 2.39
C GLY A 329 5.30 3.80 2.87
N HIS A 330 5.69 4.64 1.92
CA HIS A 330 6.40 5.87 2.26
C HIS A 330 5.46 6.82 3.00
N GLY A 331 5.93 7.38 4.09
CA GLY A 331 5.16 8.28 4.91
C GLY A 331 4.85 9.59 4.16
N GLU A 332 4.13 10.48 4.86
CA GLU A 332 3.74 11.74 4.26
C GLU A 332 3.41 12.73 5.35
N VAL A 333 3.15 13.98 4.94
CA VAL A 333 2.69 15.03 5.83
C VAL A 333 1.55 15.75 5.12
N ASN A 334 0.46 16.03 5.84
CA ASN A 334 -0.62 16.82 5.28
C ASN A 334 -0.86 18.01 6.22
N ILE A 335 -0.71 19.22 5.67
CA ILE A 335 -0.92 20.44 6.42
C ILE A 335 -2.13 21.16 5.81
N LYS A 336 -3.11 21.48 6.66
CA LYS A 336 -4.23 22.29 6.20
C LYS A 336 -4.67 23.24 7.31
N HIS A 337 -5.48 24.25 6.94
CA HIS A 337 -5.95 25.19 7.93
C HIS A 337 -6.95 24.50 8.84
N TYR A 338 -6.80 24.69 10.14
CA TYR A 338 -7.69 24.04 11.10
C TYR A 338 -9.01 24.80 11.16
N LEU A 339 -10.10 24.03 11.30
CA LEU A 339 -11.44 24.57 11.34
C LEU A 339 -11.88 24.63 12.80
N ASN A 340 -12.34 25.80 13.23
CA ASN A 340 -12.69 26.02 14.63
C ASN A 340 -14.09 25.46 14.88
N CYS A 341 -14.20 24.14 14.92
CA CYS A 341 -15.45 23.50 15.27
C CYS A 341 -15.86 23.84 16.71
N SER A 342 -14.88 23.82 17.62
CA SER A 342 -15.14 24.01 19.04
C SER A 342 -15.27 25.49 19.42
N HIS A 343 -15.28 26.40 18.43
CA HIS A 343 -15.49 27.82 18.71
C HIS A 343 -16.90 28.07 19.24
N CYS A 344 -17.85 27.19 18.92
CA CYS A 344 -19.21 27.24 19.42
C CYS A 344 -19.49 26.00 20.26
N GLU A 345 -20.74 25.85 20.71
CA GLU A 345 -21.11 24.82 21.67
C GLU A 345 -20.94 23.42 21.07
N VAL A 346 -21.36 23.24 19.81
CA VAL A 346 -21.23 21.96 19.15
C VAL A 346 -19.77 21.75 18.74
N ASP A 347 -19.24 20.55 19.04
CA ASP A 347 -17.84 20.26 18.82
C ASP A 347 -17.55 19.79 17.39
N GLU A 348 -18.59 19.63 16.56
CA GLU A 348 -18.42 19.15 15.20
C GLU A 348 -18.90 20.23 14.22
N CYS A 349 -18.13 20.44 13.15
CA CYS A 349 -18.47 21.46 12.16
C CYS A 349 -17.94 21.06 10.79
N HIS A 350 -18.60 21.55 9.75
CA HIS A 350 -18.23 21.29 8.36
C HIS A 350 -18.50 22.56 7.55
N MET A 351 -17.47 23.38 7.38
CA MET A 351 -17.62 24.67 6.73
C MET A 351 -17.82 24.49 5.22
N ASP A 352 -18.71 25.31 4.66
CA ASP A 352 -18.91 25.35 3.22
C ASP A 352 -17.67 25.92 2.54
N PRO A 353 -17.39 25.55 1.26
CA PRO A 353 -16.23 26.07 0.56
C PRO A 353 -16.10 27.58 0.48
N GLU A 354 -17.22 28.30 0.35
CA GLU A 354 -17.15 29.76 0.21
C GLU A 354 -17.87 30.50 1.33
N SER A 355 -18.58 29.77 2.21
CA SER A 355 -19.36 30.38 3.28
C SER A 355 -19.10 29.66 4.60
N HIS A 356 -19.30 30.40 5.70
CA HIS A 356 -19.13 29.85 7.03
C HIS A 356 -20.38 29.05 7.41
N LYS A 357 -20.34 27.76 7.08
CA LYS A 357 -21.46 26.85 7.35
C LYS A 357 -21.08 25.84 8.42
N VAL A 358 -20.38 26.27 9.46
CA VAL A 358 -20.02 25.41 10.57
C VAL A 358 -21.27 24.90 11.27
N ILE A 359 -21.19 23.67 11.80
CA ILE A 359 -22.38 22.99 12.30
C ILE A 359 -22.61 23.38 13.76
N CYS A 360 -23.27 24.51 13.95
CA CYS A 360 -23.90 24.88 15.21
C CYS A 360 -24.95 25.95 14.89
N PHE A 361 -26.21 25.54 15.00
CA PHE A 361 -27.33 26.38 14.61
C PHE A 361 -27.55 27.47 15.65
N CYS A 362 -27.88 28.67 15.17
CA CYS A 362 -28.15 29.80 16.05
C CYS A 362 -29.66 30.00 16.18
N ASP B 32 -18.73 -20.40 14.27
CA ASP B 32 -18.14 -19.11 14.71
C ASP B 32 -18.20 -18.12 13.54
N PRO B 33 -18.75 -16.91 13.77
CA PRO B 33 -18.76 -15.89 12.75
C PRO B 33 -17.38 -15.41 12.32
N THR B 34 -16.41 -15.47 13.24
CA THR B 34 -15.12 -14.82 13.04
C THR B 34 -14.25 -15.57 12.03
N VAL B 35 -14.58 -16.82 11.70
CA VAL B 35 -13.71 -17.62 10.87
C VAL B 35 -13.75 -17.11 9.42
N HIS B 36 -12.57 -17.04 8.81
CA HIS B 36 -12.43 -16.54 7.46
C HIS B 36 -11.11 -17.06 6.88
N TRP B 37 -11.07 -17.19 5.57
CA TRP B 37 -9.90 -17.66 4.86
C TRP B 37 -9.34 -16.55 3.99
N LEU B 38 -8.05 -16.27 4.18
CA LEU B 38 -7.42 -15.12 3.54
C LEU B 38 -6.39 -15.64 2.53
N PHE B 39 -6.73 -15.53 1.26
CA PHE B 39 -5.85 -15.96 0.19
C PHE B 39 -5.04 -14.76 -0.24
N THR B 40 -3.72 -14.91 -0.14
CA THR B 40 -2.79 -13.87 -0.52
C THR B 40 -2.10 -14.29 -1.80
N THR B 41 -1.12 -13.48 -2.24
CA THR B 41 -0.32 -13.83 -3.42
C THR B 41 0.81 -14.79 -3.06
N CYS B 42 0.80 -15.34 -1.84
CA CYS B 42 1.76 -16.34 -1.37
C CYS B 42 3.19 -15.79 -1.37
N GLY B 43 3.32 -14.45 -1.29
CA GLY B 43 4.64 -13.83 -1.23
C GLY B 43 5.25 -13.57 -2.59
N ALA B 44 4.66 -14.10 -3.67
CA ALA B 44 5.23 -13.92 -4.99
C ALA B 44 4.92 -12.52 -5.51
N SER B 45 5.62 -12.15 -6.57
CA SER B 45 5.44 -10.85 -7.19
C SER B 45 5.79 -10.95 -8.66
N GLY B 46 5.64 -9.83 -9.35
CA GLY B 46 6.09 -9.76 -10.73
C GLY B 46 5.16 -10.51 -11.64
N PRO B 47 5.64 -10.90 -12.85
CA PRO B 47 4.75 -11.40 -13.89
C PRO B 47 4.33 -12.84 -13.67
N HIS B 48 5.05 -13.59 -12.85
CA HIS B 48 4.77 -15.00 -12.67
C HIS B 48 4.28 -15.23 -11.26
N GLY B 49 3.28 -16.09 -11.16
CA GLY B 49 2.58 -16.34 -9.90
C GLY B 49 3.37 -17.25 -8.99
N PRO B 50 2.74 -17.65 -7.90
CA PRO B 50 3.42 -18.43 -6.86
C PRO B 50 3.58 -19.87 -7.29
N THR B 51 4.36 -20.60 -6.51
CA THR B 51 4.49 -22.04 -6.64
C THR B 51 3.83 -22.70 -5.43
N GLN B 52 3.91 -24.02 -5.39
CA GLN B 52 3.33 -24.77 -4.29
C GLN B 52 4.08 -24.49 -3.00
N ALA B 53 5.42 -24.42 -3.08
CA ALA B 53 6.23 -24.19 -1.89
C ALA B 53 5.98 -22.80 -1.29
N GLN B 54 5.82 -21.79 -2.16
CA GLN B 54 5.53 -20.44 -1.71
C GLN B 54 4.22 -20.39 -0.92
N CYS B 55 3.18 -21.02 -1.45
CA CYS B 55 1.89 -21.01 -0.80
C CYS B 55 1.90 -21.88 0.46
N ASN B 56 2.66 -22.96 0.48
CA ASN B 56 2.78 -23.77 1.68
C ASN B 56 3.49 -22.97 2.78
N ASN B 57 4.52 -22.19 2.42
CA ASN B 57 5.20 -21.36 3.40
C ASN B 57 4.31 -20.20 3.85
N ALA B 58 3.48 -19.69 2.95
CA ALA B 58 2.65 -18.53 3.26
C ALA B 58 1.51 -18.87 4.23
N TYR B 59 1.10 -20.14 4.26
CA TYR B 59 -0.05 -20.57 5.03
C TYR B 59 0.36 -21.54 6.14
N GLN B 60 1.44 -21.21 6.84
CA GLN B 60 1.91 -22.02 7.95
C GLN B 60 1.17 -21.65 9.23
N ASN B 61 0.80 -22.69 10.00
CA ASN B 61 0.15 -22.54 11.31
C ASN B 61 -1.15 -21.74 11.19
N SER B 62 -1.89 -21.95 10.11
CA SER B 62 -3.14 -21.26 9.89
C SER B 62 -4.25 -22.24 9.54
N ASN B 63 -5.43 -21.71 9.18
CA ASN B 63 -6.57 -22.55 8.85
C ASN B 63 -6.73 -22.73 7.35
N LEU B 64 -5.79 -22.22 6.55
CA LEU B 64 -5.89 -22.32 5.10
C LEU B 64 -4.85 -23.29 4.57
N SER B 65 -5.27 -24.11 3.60
CA SER B 65 -4.37 -25.00 2.89
C SER B 65 -4.83 -25.10 1.44
N VAL B 66 -3.95 -24.73 0.51
CA VAL B 66 -4.26 -24.82 -0.91
C VAL B 66 -3.25 -25.70 -1.63
N GLU B 67 -3.64 -26.11 -2.83
CA GLU B 67 -2.78 -26.82 -3.75
C GLU B 67 -2.61 -25.95 -4.98
N VAL B 68 -1.37 -25.82 -5.45
CA VAL B 68 -1.03 -24.91 -6.52
C VAL B 68 -0.58 -25.72 -7.74
N GLY B 69 -1.21 -25.42 -8.87
CA GLY B 69 -0.88 -26.06 -10.13
C GLY B 69 0.56 -25.74 -10.52
N SER B 70 1.32 -26.78 -10.92
CA SER B 70 2.75 -26.60 -11.17
C SER B 70 3.03 -26.37 -12.65
N GLU B 71 2.24 -27.00 -13.52
CA GLU B 71 2.44 -26.87 -14.95
C GLU B 71 1.11 -26.54 -15.61
N GLY B 72 1.21 -26.13 -16.87
CA GLY B 72 0.03 -25.84 -17.65
C GLY B 72 -0.51 -24.47 -17.35
N PRO B 73 -1.62 -24.09 -18.00
CA PRO B 73 -2.22 -22.78 -17.77
C PRO B 73 -2.80 -22.58 -16.36
N LEU B 74 -2.78 -23.60 -15.53
CA LEU B 74 -3.21 -23.45 -14.15
C LEU B 74 -2.02 -23.19 -13.22
N LYS B 75 -0.92 -22.67 -13.73
CA LYS B 75 0.25 -22.46 -12.90
C LYS B 75 0.04 -21.23 -12.00
N GLY B 76 0.18 -21.45 -10.71
CA GLY B 76 0.01 -20.39 -9.76
C GLY B 76 -1.43 -20.15 -9.30
N ILE B 77 -2.38 -20.95 -9.79
CA ILE B 77 -3.77 -20.83 -9.38
C ILE B 77 -4.00 -21.76 -8.20
N GLN B 78 -4.52 -21.19 -7.11
CA GLN B 78 -4.68 -21.91 -5.86
C GLN B 78 -6.06 -22.59 -5.80
N ILE B 79 -6.09 -23.91 -5.75
CA ILE B 79 -7.37 -24.60 -5.61
C ILE B 79 -7.68 -24.67 -4.14
N TRP B 80 -8.98 -24.60 -3.83
CA TRP B 80 -9.45 -24.63 -2.46
C TRP B 80 -10.70 -25.47 -2.39
N LYS B 81 -10.78 -26.26 -1.31
CA LYS B 81 -11.92 -27.13 -1.08
C LYS B 81 -12.81 -26.46 -0.04
N VAL B 82 -14.08 -26.26 -0.41
CA VAL B 82 -15.04 -25.62 0.48
C VAL B 82 -15.38 -26.58 1.62
N PRO B 83 -15.14 -26.18 2.87
CA PRO B 83 -15.18 -27.12 4.00
C PRO B 83 -16.59 -27.59 4.38
N ALA B 84 -17.56 -26.70 4.17
CA ALA B 84 -18.94 -27.03 4.46
C ALA B 84 -19.84 -26.24 3.54
N THR B 85 -20.99 -26.86 3.19
CA THR B 85 -21.98 -26.18 2.36
C THR B 85 -22.62 -25.06 3.18
N ASP B 86 -22.66 -23.85 2.58
CA ASP B 86 -23.06 -22.65 3.28
C ASP B 86 -23.22 -21.53 2.27
N THR B 87 -23.59 -20.35 2.78
CA THR B 87 -23.55 -19.12 2.00
C THR B 87 -22.28 -18.39 2.42
N TYR B 88 -21.45 -18.06 1.44
CA TYR B 88 -20.15 -17.45 1.68
C TYR B 88 -20.09 -16.08 1.03
N SER B 89 -19.52 -15.11 1.76
CA SER B 89 -19.13 -13.84 1.16
C SER B 89 -17.71 -13.95 0.68
N ILE B 90 -17.48 -13.59 -0.58
CA ILE B 90 -16.14 -13.58 -1.16
C ILE B 90 -15.73 -12.13 -1.47
N SER B 91 -14.59 -11.73 -0.92
CA SER B 91 -14.00 -10.41 -1.11
C SER B 91 -12.82 -10.52 -2.07
N GLY B 92 -13.00 -10.12 -3.32
CA GLY B 92 -11.94 -10.15 -4.31
C GLY B 92 -11.31 -8.76 -4.45
N TYR B 93 -10.00 -8.64 -4.18
CA TYR B 93 -9.30 -7.39 -4.31
C TYR B 93 -8.25 -7.53 -5.40
N GLY B 94 -8.33 -6.68 -6.41
CA GLY B 94 -7.33 -6.65 -7.46
C GLY B 94 -6.04 -5.99 -7.01
N ALA B 95 -5.11 -5.83 -7.94
CA ALA B 95 -3.80 -5.30 -7.61
C ALA B 95 -3.60 -3.97 -8.30
N ALA B 96 -2.79 -3.12 -7.66
CA ALA B 96 -2.55 -1.78 -8.15
C ALA B 96 -1.52 -1.79 -9.27
N GLY B 97 -1.52 -0.76 -10.09
CA GLY B 97 -0.55 -0.61 -11.14
C GLY B 97 0.78 -0.09 -10.61
N GLY B 98 1.72 0.06 -11.55
CA GLY B 98 3.04 0.55 -11.19
C GLY B 98 3.10 2.08 -11.27
N LYS B 99 3.98 2.66 -10.46
CA LYS B 99 4.21 4.09 -10.52
C LYS B 99 4.98 4.45 -11.80
N GLY B 100 4.87 5.70 -12.20
CA GLY B 100 5.53 6.16 -13.41
C GLY B 100 7.00 6.44 -13.18
N GLY B 101 7.65 6.94 -14.25
CA GLY B 101 9.08 7.22 -14.17
C GLY B 101 9.37 8.32 -13.16
N LYS B 102 8.61 9.41 -13.25
CA LYS B 102 8.63 10.43 -12.21
C LYS B 102 7.66 9.95 -11.12
N ASN B 103 8.13 9.04 -10.27
CA ASN B 103 7.26 8.26 -9.41
C ASN B 103 6.70 9.12 -8.27
N THR B 104 6.01 10.19 -8.62
CA THR B 104 5.41 11.09 -7.64
C THR B 104 3.87 11.05 -7.68
N MET B 105 3.29 10.89 -8.87
CA MET B 105 1.86 10.70 -8.98
C MET B 105 1.47 9.33 -8.43
N MET B 106 0.28 9.25 -7.84
CA MET B 106 -0.12 8.04 -7.14
C MET B 106 -0.44 6.94 -8.16
N ARG B 107 -0.22 5.71 -7.73
CA ARG B 107 -0.51 4.55 -8.57
C ARG B 107 -2.02 4.30 -8.62
N SER B 108 -2.46 3.81 -9.79
CA SER B 108 -3.86 3.45 -9.98
C SER B 108 -4.21 2.26 -9.10
N HIS B 109 -5.24 2.39 -8.29
CA HIS B 109 -5.52 1.41 -7.27
C HIS B 109 -6.32 0.24 -7.83
N GLY B 110 -6.20 -0.89 -7.14
CA GLY B 110 -6.92 -2.07 -7.54
C GLY B 110 -8.34 -2.09 -6.99
N VAL B 111 -9.23 -2.72 -7.76
CA VAL B 111 -10.67 -2.71 -7.53
C VAL B 111 -11.08 -3.85 -6.63
N SER B 112 -12.06 -3.61 -5.76
CA SER B 112 -12.60 -4.61 -4.87
C SER B 112 -14.01 -4.96 -5.28
N VAL B 113 -14.33 -6.25 -5.31
CA VAL B 113 -15.66 -6.78 -5.56
C VAL B 113 -16.06 -7.67 -4.41
N LEU B 114 -17.20 -7.35 -3.78
CA LEU B 114 -17.81 -8.23 -2.78
C LEU B 114 -18.95 -9.02 -3.45
N GLY B 115 -18.93 -10.33 -3.28
CA GLY B 115 -19.94 -11.19 -3.82
C GLY B 115 -20.51 -12.09 -2.73
N ILE B 116 -21.77 -12.51 -2.90
CA ILE B 116 -22.46 -13.34 -1.94
C ILE B 116 -22.90 -14.61 -2.67
N PHE B 117 -22.20 -15.72 -2.44
CA PHE B 117 -22.41 -16.94 -3.21
C PHE B 117 -22.82 -18.07 -2.29
N ASN B 118 -23.25 -19.18 -2.90
CA ASN B 118 -23.61 -20.38 -2.15
C ASN B 118 -22.75 -21.54 -2.63
N LEU B 119 -22.23 -22.31 -1.68
CA LEU B 119 -21.20 -23.29 -1.96
C LEU B 119 -21.51 -24.61 -1.28
N GLU B 120 -21.27 -25.70 -2.02
CA GLU B 120 -21.56 -27.05 -1.55
C GLU B 120 -20.30 -27.67 -0.96
N LYS B 121 -20.47 -28.85 -0.38
CA LYS B 121 -19.35 -29.60 0.17
C LYS B 121 -18.42 -30.07 -0.95
N ASP B 122 -17.12 -30.04 -0.66
CA ASP B 122 -16.08 -30.54 -1.54
C ASP B 122 -16.00 -29.76 -2.85
N ASP B 123 -16.48 -28.52 -2.86
CA ASP B 123 -16.44 -27.73 -4.08
C ASP B 123 -15.03 -27.21 -4.32
N MET B 124 -14.65 -27.10 -5.59
CA MET B 124 -13.34 -26.60 -5.97
C MET B 124 -13.44 -25.12 -6.34
N LEU B 125 -12.73 -24.27 -5.60
CA LEU B 125 -12.62 -22.86 -5.92
C LEU B 125 -11.19 -22.60 -6.37
N TYR B 126 -11.05 -22.23 -7.65
CA TYR B 126 -9.77 -21.86 -8.22
C TYR B 126 -9.59 -20.36 -8.03
N ILE B 127 -8.58 -19.95 -7.28
CA ILE B 127 -8.34 -18.57 -6.91
C ILE B 127 -6.97 -18.14 -7.43
N LEU B 128 -6.97 -17.18 -8.36
CA LEU B 128 -5.77 -16.49 -8.81
C LEU B 128 -5.74 -15.13 -8.13
N VAL B 129 -4.80 -14.91 -7.22
CA VAL B 129 -4.65 -13.65 -6.54
C VAL B 129 -3.73 -12.75 -7.36
N GLY B 130 -4.21 -11.55 -7.64
CA GLY B 130 -3.54 -10.63 -8.53
C GLY B 130 -2.26 -10.09 -7.88
N GLN B 131 -1.36 -9.65 -8.78
CA GLN B 131 -0.06 -9.17 -8.36
C GLN B 131 0.17 -7.79 -8.93
N GLN B 132 0.87 -6.95 -8.14
CA GLN B 132 1.11 -5.57 -8.52
C GLN B 132 2.10 -5.50 -9.68
N GLY B 133 1.80 -4.62 -10.62
CA GLY B 133 2.73 -4.36 -11.71
C GLY B 133 4.01 -3.72 -11.20
N GLU B 134 5.10 -3.99 -11.89
CA GLU B 134 6.40 -3.50 -11.46
C GLU B 134 6.51 -2.00 -11.69
N ASP B 135 7.13 -1.29 -10.73
CA ASP B 135 7.27 0.15 -10.81
C ASP B 135 8.39 0.53 -11.76
N ALA B 136 8.33 1.75 -12.29
CA ALA B 136 9.40 2.29 -13.12
C ALA B 136 10.64 2.58 -12.27
N CYS B 137 10.46 3.23 -11.12
CA CYS B 137 11.55 3.59 -10.23
C CYS B 137 11.17 3.18 -8.81
N PRO B 138 12.12 2.78 -7.93
CA PRO B 138 13.57 2.70 -8.21
C PRO B 138 14.00 1.47 -9.00
N SER B 139 15.23 1.53 -9.52
CA SER B 139 15.82 0.44 -10.28
C SER B 139 17.22 0.20 -9.76
N THR B 140 17.61 -1.06 -9.65
CA THR B 140 18.95 -1.42 -9.19
C THR B 140 20.01 -1.14 -10.26
N ASN B 141 19.62 -1.02 -11.52
CA ASN B 141 20.54 -0.66 -12.58
C ASN B 141 20.99 0.79 -12.37
N GLN B 142 22.30 1.04 -12.51
CA GLN B 142 22.88 2.31 -12.15
C GLN B 142 22.46 3.41 -13.13
N LEU B 143 22.48 3.11 -14.44
CA LEU B 143 22.10 4.08 -15.44
C LEU B 143 20.64 4.49 -15.26
N ILE B 144 19.79 3.49 -15.04
CA ILE B 144 18.36 3.77 -14.93
C ILE B 144 18.10 4.51 -13.62
N GLN B 145 18.85 4.19 -12.57
CA GLN B 145 18.73 4.89 -11.30
C GLN B 145 19.11 6.37 -11.48
N LYS B 146 20.19 6.63 -12.20
CA LYS B 146 20.58 8.01 -12.49
C LYS B 146 19.53 8.72 -13.33
N VAL B 147 18.81 7.98 -14.17
CA VAL B 147 17.67 8.55 -14.85
C VAL B 147 16.56 8.89 -13.85
N CYS B 148 16.31 8.00 -12.88
CA CYS B 148 15.23 8.17 -11.92
C CYS B 148 15.40 9.42 -11.05
N ILE B 149 16.62 9.68 -10.58
CA ILE B 149 16.87 10.79 -9.66
C ILE B 149 16.86 12.13 -10.36
N GLY B 150 16.68 12.16 -11.69
CA GLY B 150 16.56 13.41 -12.42
C GLY B 150 17.89 13.98 -12.88
N GLU B 151 19.02 13.35 -12.50
CA GLU B 151 20.30 13.80 -13.02
C GLU B 151 20.41 13.54 -14.53
N ASN B 152 19.82 12.42 -14.97
CA ASN B 152 19.74 12.09 -16.38
C ASN B 152 18.31 12.36 -16.83
N ASN B 153 18.16 13.20 -17.85
CA ASN B 153 16.84 13.65 -18.29
C ASN B 153 16.75 13.67 -19.80
N VAL B 154 17.28 12.63 -20.45
CA VAL B 154 17.24 12.56 -21.91
C VAL B 154 15.81 12.35 -22.40
N ILE B 155 14.97 11.71 -21.59
CA ILE B 155 13.58 11.46 -21.97
C ILE B 155 12.84 12.79 -22.10
N GLU B 156 13.10 13.72 -21.17
CA GLU B 156 12.47 15.02 -21.23
C GLU B 156 12.87 15.80 -22.49
N GLU B 157 14.14 15.72 -22.88
CA GLU B 157 14.61 16.36 -24.09
C GLU B 157 13.96 15.72 -25.32
N GLU B 158 13.80 14.38 -25.30
CA GLU B 158 13.15 13.68 -26.40
C GLU B 158 11.68 14.12 -26.51
N ILE B 159 11.00 14.27 -25.37
CA ILE B 159 9.62 14.73 -25.38
C ILE B 159 9.54 16.16 -25.90
N ARG B 160 10.49 17.01 -25.50
CA ARG B 160 10.47 18.40 -25.94
C ARG B 160 10.75 18.51 -27.43
N VAL B 161 11.57 17.62 -27.98
CA VAL B 161 11.93 17.71 -29.39
C VAL B 161 10.86 17.07 -30.27
N ASN B 162 10.61 15.77 -30.08
CA ASN B 162 9.79 15.00 -31.00
C ASN B 162 8.32 14.91 -30.58
N ARG B 163 7.94 15.57 -29.49
CA ARG B 163 6.58 15.60 -28.94
C ARG B 163 6.07 14.23 -28.54
N SER B 164 6.94 13.20 -28.54
CA SER B 164 6.55 11.84 -28.22
C SER B 164 7.83 11.04 -27.97
N VAL B 165 7.67 9.82 -27.48
CA VAL B 165 8.78 8.95 -27.20
C VAL B 165 8.88 7.91 -28.32
N HIS B 166 10.05 7.86 -28.98
CA HIS B 166 10.30 6.83 -29.97
C HIS B 166 11.66 6.15 -29.74
N GLU B 167 12.63 6.91 -29.21
CA GLU B 167 13.98 6.39 -29.03
C GLU B 167 14.22 6.00 -27.58
N TRP B 168 14.10 6.98 -26.68
CA TRP B 168 14.38 6.75 -25.28
C TRP B 168 13.10 6.39 -24.56
N ALA B 169 12.74 5.11 -24.66
CA ALA B 169 11.60 4.56 -23.95
C ALA B 169 11.77 4.71 -22.45
N GLY B 170 10.93 5.56 -21.83
CA GLY B 170 11.01 5.86 -20.41
C GLY B 170 10.23 4.85 -19.58
N GLY B 171 10.52 4.86 -18.28
CA GLY B 171 9.90 3.92 -17.36
C GLY B 171 8.42 4.18 -17.13
N GLY B 172 7.56 3.29 -17.65
CA GLY B 172 6.14 3.34 -17.37
C GLY B 172 5.73 2.16 -16.48
N GLY B 173 4.87 2.41 -15.50
CA GLY B 173 4.53 1.40 -14.52
C GLY B 173 3.81 0.18 -15.12
N GLY B 174 4.06 -0.97 -14.54
CA GLY B 174 3.38 -2.18 -14.97
C GLY B 174 1.96 -2.24 -14.46
N GLY B 175 1.10 -2.89 -15.23
CA GLY B 175 -0.31 -3.04 -14.88
C GLY B 175 -0.50 -4.05 -13.78
N GLY B 176 -1.44 -3.79 -12.89
CA GLY B 176 -1.75 -4.69 -11.81
C GLY B 176 -2.52 -5.90 -12.33
N GLY B 177 -2.42 -6.98 -11.56
CA GLY B 177 -3.05 -8.22 -11.94
C GLY B 177 -4.44 -8.33 -11.33
N ALA B 178 -5.39 -8.81 -12.14
CA ALA B 178 -6.73 -9.06 -11.63
C ALA B 178 -6.77 -10.23 -10.65
N THR B 179 -7.78 -10.24 -9.82
CA THR B 179 -8.05 -11.35 -8.91
C THR B 179 -9.24 -12.15 -9.43
N TYR B 180 -9.05 -13.46 -9.58
CA TYR B 180 -10.06 -14.35 -10.11
C TYR B 180 -10.43 -15.39 -9.07
N VAL B 181 -11.75 -15.57 -8.86
CA VAL B 181 -12.28 -16.70 -8.13
C VAL B 181 -13.28 -17.39 -9.03
N PHE B 182 -12.96 -18.61 -9.46
CA PHE B 182 -13.79 -19.34 -10.40
C PHE B 182 -13.85 -20.80 -10.00
N LYS B 183 -14.54 -21.61 -10.82
CA LYS B 183 -14.68 -23.02 -10.50
C LYS B 183 -14.75 -23.83 -11.78
N MET B 184 -14.46 -25.13 -11.62
CA MET B 184 -14.40 -26.05 -12.75
C MET B 184 -15.70 -26.86 -12.76
N LYS B 185 -16.65 -26.43 -13.59
CA LYS B 185 -17.80 -27.25 -13.90
C LYS B 185 -17.59 -27.97 -15.23
N ASP B 186 -17.55 -29.32 -15.15
CA ASP B 186 -17.54 -30.28 -16.26
C ASP B 186 -16.86 -29.80 -17.53
N GLY B 187 -15.65 -29.25 -17.41
CA GLY B 187 -14.83 -29.03 -18.60
C GLY B 187 -14.39 -27.58 -18.82
N VAL B 188 -15.22 -26.62 -18.46
CA VAL B 188 -14.89 -25.24 -18.71
C VAL B 188 -14.99 -24.47 -17.39
N PRO B 189 -14.08 -23.50 -17.15
CA PRO B 189 -14.16 -22.68 -15.95
C PRO B 189 -15.40 -21.79 -15.98
N VAL B 190 -15.94 -21.52 -14.79
CA VAL B 190 -17.08 -20.64 -14.63
C VAL B 190 -16.66 -19.54 -13.67
N PRO B 191 -16.67 -18.27 -14.08
CA PRO B 191 -16.20 -17.20 -13.20
C PRO B 191 -17.26 -16.89 -12.14
N LEU B 192 -16.77 -16.57 -10.94
CA LEU B 192 -17.61 -16.14 -9.84
C LEU B 192 -17.27 -14.72 -9.43
N ILE B 193 -16.02 -14.44 -9.08
CA ILE B 193 -15.58 -13.12 -8.65
C ILE B 193 -14.39 -12.73 -9.51
N ILE B 194 -14.43 -11.57 -10.14
CA ILE B 194 -13.26 -11.01 -10.78
C ILE B 194 -13.09 -9.56 -10.29
N ALA B 195 -11.96 -9.27 -9.66
CA ALA B 195 -11.59 -7.92 -9.25
C ALA B 195 -10.52 -7.34 -10.17
N ALA B 196 -10.81 -6.24 -10.83
CA ALA B 196 -9.97 -5.68 -11.86
C ALA B 196 -8.69 -5.15 -11.27
N GLY B 197 -7.69 -5.07 -12.13
CA GLY B 197 -6.35 -4.65 -11.68
C GLY B 197 -6.10 -3.23 -12.08
N GLY B 198 -5.35 -2.52 -11.21
CA GLY B 198 -5.05 -1.13 -11.47
C GLY B 198 -4.13 -0.95 -12.67
N GLY B 199 -4.45 -0.01 -13.56
CA GLY B 199 -3.59 0.26 -14.70
C GLY B 199 -2.28 0.91 -14.28
N GLY B 200 -1.32 0.85 -15.18
CA GLY B 200 -0.03 1.45 -14.89
C GLY B 200 -0.04 2.95 -15.14
N ARG B 201 0.82 3.65 -14.37
CA ARG B 201 0.93 5.08 -14.49
C ARG B 201 2.02 5.41 -15.50
N ALA B 202 1.70 6.29 -16.46
CA ALA B 202 2.64 6.62 -17.52
C ALA B 202 3.81 7.43 -16.97
N TYR B 203 4.77 7.71 -17.84
CA TYR B 203 5.95 8.46 -17.44
C TYR B 203 5.57 9.88 -17.02
N GLY B 204 4.71 10.53 -17.81
CA GLY B 204 4.38 11.92 -17.56
C GLY B 204 2.94 12.12 -17.12
N ALA B 205 2.46 11.26 -16.23
CA ALA B 205 1.07 11.34 -15.78
C ALA B 205 0.87 12.55 -14.88
N LYS B 206 0.48 13.69 -15.47
CA LYS B 206 0.27 14.91 -14.70
C LYS B 206 -1.13 14.96 -14.08
N THR B 207 -2.02 14.02 -14.45
CA THR B 207 -3.37 14.00 -13.91
C THR B 207 -3.55 12.75 -13.05
N ASP B 208 -4.06 12.97 -11.83
CA ASP B 208 -4.34 11.86 -10.92
C ASP B 208 -5.80 11.43 -10.95
N THR B 209 -6.57 11.93 -11.92
CA THR B 209 -7.97 11.56 -12.03
C THR B 209 -8.10 10.11 -12.47
N PHE B 210 -9.05 9.39 -11.84
CA PHE B 210 -9.32 8.02 -12.17
C PHE B 210 -10.73 7.92 -12.76
N HIS B 211 -10.87 7.05 -13.77
CA HIS B 211 -12.13 6.83 -14.41
C HIS B 211 -13.07 6.11 -13.44
N PRO B 212 -14.41 6.25 -13.63
CA PRO B 212 -15.36 5.41 -12.88
C PRO B 212 -15.13 3.92 -13.16
N GLU B 213 -15.27 3.12 -12.11
CA GLU B 213 -15.03 1.68 -12.19
C GLU B 213 -16.09 0.97 -13.02
N ARG B 214 -15.65 -0.04 -13.78
CA ARG B 214 -16.50 -0.78 -14.69
C ARG B 214 -16.76 -2.19 -14.17
N LEU B 215 -18.04 -2.60 -14.15
CA LEU B 215 -18.42 -3.90 -13.62
C LEU B 215 -19.31 -4.61 -14.64
N GLU B 216 -19.13 -5.93 -14.74
CA GLU B 216 -19.91 -6.78 -15.63
C GLU B 216 -20.67 -7.79 -14.80
N ASN B 217 -22.01 -7.77 -14.92
CA ASN B 217 -22.88 -8.60 -14.08
C ASN B 217 -23.45 -9.76 -14.92
N ASN B 218 -23.13 -9.79 -16.20
CA ASN B 218 -23.72 -10.75 -17.13
C ASN B 218 -22.61 -11.60 -17.70
N SER B 219 -22.85 -12.92 -17.75
CA SER B 219 -21.85 -13.85 -18.25
C SER B 219 -21.84 -13.94 -19.78
N SER B 220 -22.90 -13.44 -20.44
CA SER B 220 -22.98 -13.52 -21.89
C SER B 220 -22.04 -12.51 -22.56
N VAL B 221 -21.64 -11.45 -21.87
CA VAL B 221 -20.66 -10.52 -22.41
C VAL B 221 -19.28 -11.16 -22.37
N LEU B 222 -18.58 -11.16 -23.50
CA LEU B 222 -17.32 -11.88 -23.64
C LEU B 222 -16.23 -11.24 -22.80
N GLY B 223 -15.33 -12.09 -22.30
CA GLY B 223 -14.21 -11.59 -21.48
C GLY B 223 -12.92 -11.36 -22.28
N LEU B 224 -12.98 -10.45 -23.24
CA LEU B 224 -11.88 -10.26 -24.15
C LEU B 224 -10.72 -9.58 -23.43
N ASN B 225 -9.62 -9.40 -24.18
CA ASN B 225 -8.41 -8.78 -23.67
C ASN B 225 -8.38 -7.29 -23.98
N GLY B 226 -7.60 -6.56 -23.19
CA GLY B 226 -7.41 -5.14 -23.40
C GLY B 226 -6.57 -4.86 -24.64
N ASN B 227 -6.80 -3.68 -25.23
CA ASN B 227 -6.04 -3.26 -26.40
C ASN B 227 -4.63 -2.87 -26.00
N SER B 228 -3.64 -3.31 -26.77
CA SER B 228 -2.25 -3.00 -26.52
C SER B 228 -1.71 -2.16 -27.68
N GLY B 229 -1.06 -1.05 -27.34
CA GLY B 229 -0.31 -0.31 -28.34
C GLY B 229 1.19 -0.48 -28.14
N ALA B 230 1.88 0.56 -27.68
CA ALA B 230 3.28 0.42 -27.31
C ALA B 230 3.42 -0.36 -26.00
N ALA B 231 2.60 -0.01 -25.02
CA ALA B 231 2.58 -0.76 -23.78
C ALA B 231 1.61 -1.93 -23.88
N GLY B 232 1.48 -2.67 -22.79
CA GLY B 232 0.71 -3.92 -22.81
C GLY B 232 -0.66 -3.74 -22.21
N GLY B 233 -1.69 -4.04 -23.00
CA GLY B 233 -3.05 -4.05 -22.49
C GLY B 233 -3.26 -5.15 -21.49
N GLY B 234 -4.23 -4.97 -20.60
CA GLY B 234 -4.49 -5.93 -19.57
C GLY B 234 -5.11 -7.21 -20.12
N GLY B 235 -4.99 -8.27 -19.33
CA GLY B 235 -5.50 -9.55 -19.74
C GLY B 235 -6.91 -9.79 -19.26
N GLY B 236 -7.75 -10.32 -20.16
CA GLY B 236 -9.15 -10.56 -19.87
C GLY B 236 -9.44 -11.96 -19.32
N TRP B 237 -10.59 -12.49 -19.69
CA TRP B 237 -11.02 -13.80 -19.22
C TRP B 237 -10.62 -14.91 -20.18
N ASN B 238 -10.92 -14.78 -21.46
CA ASN B 238 -10.66 -15.83 -22.41
C ASN B 238 -10.35 -15.21 -23.77
N ASP B 239 -9.06 -15.02 -24.05
CA ASP B 239 -8.64 -14.44 -25.32
C ASP B 239 -7.24 -14.91 -25.65
N ASN B 240 -6.93 -15.03 -26.94
CA ASN B 240 -5.63 -15.49 -27.39
C ASN B 240 -4.68 -14.29 -27.48
N THR B 241 -3.52 -14.41 -26.83
CA THR B 241 -2.49 -13.37 -26.84
C THR B 241 -1.40 -13.75 -27.83
N SER B 242 -1.13 -12.83 -28.75
CA SER B 242 0.01 -12.94 -29.66
C SER B 242 1.14 -11.98 -29.28
N LEU B 243 0.99 -11.24 -28.18
CA LEU B 243 1.97 -10.24 -27.79
C LEU B 243 2.63 -10.64 -26.48
N LEU B 244 3.96 -10.65 -26.49
CA LEU B 244 4.74 -11.00 -25.32
C LEU B 244 4.67 -9.93 -24.23
N TRP B 245 4.35 -8.67 -24.60
CA TRP B 245 4.29 -7.60 -23.62
C TRP B 245 2.90 -7.44 -23.03
N ALA B 246 1.85 -7.86 -23.74
CA ALA B 246 0.50 -7.80 -23.21
C ALA B 246 0.29 -8.88 -22.14
N GLY B 247 -0.61 -8.62 -21.22
CA GLY B 247 -1.00 -9.62 -20.25
C GLY B 247 -1.82 -10.73 -20.90
N LYS B 248 -1.71 -11.91 -20.30
CA LYS B 248 -2.39 -13.09 -20.80
C LYS B 248 -3.74 -13.23 -20.13
N SER B 249 -4.72 -13.72 -20.87
CA SER B 249 -6.01 -14.08 -20.32
C SER B 249 -5.89 -15.30 -19.46
N LEU B 250 -6.90 -15.56 -18.64
CA LEU B 250 -6.83 -16.65 -17.67
C LEU B 250 -6.71 -18.01 -18.36
N GLN B 251 -7.34 -18.18 -19.51
CA GLN B 251 -7.28 -19.44 -20.22
C GLN B 251 -5.98 -19.63 -20.98
N GLU B 252 -4.98 -18.76 -20.72
CA GLU B 252 -3.64 -18.93 -21.26
C GLU B 252 -2.58 -18.90 -20.17
N GLY B 253 -3.00 -19.08 -18.92
CA GLY B 253 -2.10 -19.03 -17.79
C GLY B 253 -2.14 -17.70 -17.05
N ALA B 254 -2.51 -16.63 -17.77
CA ALA B 254 -2.65 -15.28 -17.20
C ALA B 254 -1.36 -14.76 -16.60
N THR B 255 -0.24 -15.09 -17.25
CA THR B 255 1.04 -14.58 -16.78
C THR B 255 1.19 -13.11 -17.12
N GLY B 256 1.98 -12.40 -16.32
CA GLY B 256 2.21 -10.98 -16.54
C GLY B 256 3.00 -10.74 -17.82
N GLY B 257 2.64 -9.67 -18.52
CA GLY B 257 3.26 -9.34 -19.78
C GLY B 257 4.68 -8.81 -19.63
N HIS B 258 5.48 -9.00 -20.67
CA HIS B 258 6.83 -8.48 -20.67
C HIS B 258 6.80 -6.97 -20.85
N SER B 259 7.98 -6.33 -20.81
CA SER B 259 8.08 -4.91 -21.07
C SER B 259 8.12 -4.65 -22.58
N CYS B 260 8.17 -3.37 -22.90
CA CYS B 260 8.27 -2.87 -24.27
C CYS B 260 9.52 -3.45 -24.93
N PRO B 261 9.49 -3.74 -26.23
CA PRO B 261 10.71 -4.16 -26.93
C PRO B 261 11.78 -3.07 -26.94
N GLN B 262 11.38 -1.79 -26.96
CA GLN B 262 12.34 -0.70 -26.88
C GLN B 262 12.80 -0.49 -25.44
N ALA B 263 12.09 -1.07 -24.47
CA ALA B 263 12.53 -0.98 -23.08
C ALA B 263 13.70 -1.91 -22.81
N MET B 264 13.89 -2.93 -23.65
CA MET B 264 15.03 -3.84 -23.48
C MET B 264 16.22 -3.44 -24.35
N LYS B 265 15.94 -2.79 -25.50
CA LYS B 265 17.00 -2.36 -26.40
C LYS B 265 17.32 -0.90 -26.11
N LYS B 266 18.62 -0.59 -25.95
CA LYS B 266 19.11 0.75 -25.67
C LYS B 266 18.57 1.24 -24.32
N TRP B 267 18.27 0.29 -23.43
CA TRP B 267 17.83 0.59 -22.08
C TRP B 267 18.14 -0.62 -21.21
N GLY B 268 18.20 -0.39 -19.91
CA GLY B 268 18.55 -1.47 -18.99
C GLY B 268 17.45 -1.82 -18.00
N TRP B 269 16.20 -1.44 -18.30
CA TRP B 269 15.11 -1.57 -17.36
C TRP B 269 13.94 -2.31 -17.98
N GLU B 270 13.17 -3.00 -17.14
CA GLU B 270 11.91 -3.59 -17.53
C GLU B 270 10.90 -3.39 -16.41
N THR B 271 9.65 -3.14 -16.79
CA THR B 271 8.55 -3.01 -15.85
C THR B 271 7.43 -3.96 -16.28
N ARG B 272 7.49 -5.20 -15.79
CA ARG B 272 6.56 -6.22 -16.22
C ARG B 272 5.30 -6.14 -15.36
N GLY B 273 4.15 -6.33 -16.00
CA GLY B 273 2.90 -6.35 -15.29
C GLY B 273 2.77 -7.55 -14.36
N GLY B 274 1.95 -7.42 -13.34
CA GLY B 274 1.79 -8.45 -12.35
C GLY B 274 1.02 -9.65 -12.88
N PHE B 275 1.07 -10.72 -12.10
CA PHE B 275 0.39 -11.94 -12.47
C PHE B 275 -1.11 -11.77 -12.34
N GLY B 276 -1.83 -12.14 -13.40
CA GLY B 276 -3.27 -11.99 -13.41
C GLY B 276 -3.73 -11.18 -14.61
N GLY B 277 -2.86 -11.04 -15.61
CA GLY B 277 -3.21 -10.34 -16.82
C GLY B 277 -2.63 -8.94 -16.87
N GLY B 278 -1.76 -8.59 -15.91
CA GLY B 278 -1.17 -7.25 -15.91
C GLY B 278 -0.27 -7.01 -17.10
N GLY B 279 -0.57 -5.99 -17.89
CA GLY B 279 0.25 -5.64 -19.04
C GLY B 279 1.57 -5.00 -18.64
N GLY B 280 2.55 -5.11 -19.52
CA GLY B 280 3.85 -4.54 -19.24
C GLY B 280 3.93 -3.07 -19.61
N GLY B 281 4.97 -2.42 -19.06
CA GLY B 281 5.07 -0.97 -19.15
C GLY B 281 6.12 -0.48 -20.13
N CYS B 282 5.68 0.11 -21.23
CA CYS B 282 6.53 0.87 -22.14
C CYS B 282 6.51 2.31 -21.65
N SER B 283 6.87 3.26 -22.51
CA SER B 283 6.84 4.65 -22.10
C SER B 283 5.42 5.08 -21.80
N SER B 284 4.43 4.41 -22.36
CA SER B 284 3.03 4.60 -21.98
C SER B 284 2.73 3.86 -20.68
N GLY B 285 1.46 3.68 -20.38
CA GLY B 285 1.08 2.98 -19.17
C GLY B 285 0.61 1.56 -19.46
N GLY B 286 0.94 0.67 -18.53
CA GLY B 286 0.59 -0.73 -18.68
C GLY B 286 -0.83 -1.01 -18.21
N GLY B 287 -1.61 -1.66 -19.08
CA GLY B 287 -3.01 -1.93 -18.77
C GLY B 287 -3.17 -2.91 -17.63
N GLY B 288 -4.32 -2.85 -16.98
CA GLY B 288 -4.60 -3.72 -15.85
C GLY B 288 -5.56 -4.84 -16.28
N GLY B 289 -5.44 -5.97 -15.59
CA GLY B 289 -6.26 -7.10 -15.90
C GLY B 289 -7.66 -7.01 -15.36
N GLY B 290 -8.49 -7.96 -15.80
CA GLY B 290 -9.86 -8.03 -15.36
C GLY B 290 -10.61 -9.07 -16.15
N TYR B 291 -11.94 -9.02 -16.04
CA TYR B 291 -12.80 -9.78 -16.93
C TYR B 291 -12.60 -9.28 -18.36
N ILE B 292 -12.58 -7.96 -18.54
CA ILE B 292 -12.14 -7.33 -19.78
C ILE B 292 -10.90 -6.52 -19.44
N GLY B 293 -9.82 -6.78 -20.16
CA GLY B 293 -8.54 -6.16 -19.82
C GLY B 293 -8.54 -4.67 -20.07
N GLY B 294 -7.71 -3.97 -19.30
CA GLY B 294 -7.55 -2.54 -19.48
C GLY B 294 -6.81 -2.20 -20.76
N ASN B 295 -6.94 -0.97 -21.19
CA ASN B 295 -6.35 -0.52 -22.44
C ASN B 295 -5.00 0.15 -22.14
N ALA B 296 -4.27 0.45 -23.23
CA ALA B 296 -3.07 1.27 -23.18
C ALA B 296 -3.03 2.17 -24.40
N ALA B 297 -2.09 3.10 -24.41
CA ALA B 297 -2.02 4.06 -25.51
C ALA B 297 -1.60 3.35 -26.77
N SER B 298 -2.27 3.65 -27.90
CA SER B 298 -1.94 3.04 -29.17
C SER B 298 -0.51 3.38 -29.60
N ASN B 299 -0.16 4.66 -29.46
CA ASN B 299 1.21 5.10 -29.64
C ASN B 299 1.93 5.05 -28.29
N ASN B 300 3.18 5.53 -28.25
CA ASN B 300 3.92 5.58 -27.01
C ASN B 300 3.81 7.00 -26.44
N ASP B 301 2.60 7.31 -25.97
CA ASP B 301 2.37 8.57 -25.30
C ASP B 301 2.92 8.47 -23.88
N PRO B 302 3.85 9.35 -23.47
CA PRO B 302 4.43 9.24 -22.14
C PRO B 302 3.53 9.71 -21.00
N GLU B 303 2.33 10.21 -21.33
CA GLU B 303 1.46 10.79 -20.32
C GLU B 303 0.12 10.07 -20.21
N MET B 304 -0.17 9.11 -21.11
CA MET B 304 -1.43 8.40 -21.09
C MET B 304 -1.29 7.19 -20.16
N ASP B 305 -1.93 7.25 -19.01
CA ASP B 305 -1.93 6.14 -18.09
C ASP B 305 -2.77 5.00 -18.67
N GLY B 306 -2.48 3.78 -18.21
CA GLY B 306 -3.20 2.62 -18.68
C GLY B 306 -4.55 2.47 -17.99
N GLU B 307 -5.58 2.18 -18.78
CA GLU B 307 -6.91 1.99 -18.22
C GLU B 307 -6.94 0.75 -17.34
N ASP B 308 -7.77 0.76 -16.32
CA ASP B 308 -7.96 -0.40 -15.47
C ASP B 308 -8.86 -1.40 -16.20
N GLY B 309 -8.95 -2.60 -15.62
CA GLY B 309 -9.79 -3.63 -16.18
C GLY B 309 -11.25 -3.48 -15.77
N VAL B 310 -12.06 -4.43 -16.22
CA VAL B 310 -13.47 -4.48 -15.91
C VAL B 310 -13.71 -5.65 -14.99
N SER B 311 -14.26 -5.38 -13.82
CA SER B 311 -14.51 -6.42 -12.85
C SER B 311 -15.74 -7.23 -13.27
N PHE B 312 -15.97 -8.36 -12.60
CA PHE B 312 -17.07 -9.25 -12.92
C PHE B 312 -17.70 -9.81 -11.68
N ILE B 313 -19.04 -9.91 -11.66
CA ILE B 313 -19.80 -10.58 -10.61
C ILE B 313 -20.72 -11.58 -11.28
N SER B 314 -20.78 -12.79 -10.74
CA SER B 314 -21.53 -13.87 -11.36
C SER B 314 -23.02 -13.70 -11.08
N PRO B 315 -23.89 -14.08 -12.03
CA PRO B 315 -25.31 -14.20 -11.72
C PRO B 315 -25.66 -15.23 -10.64
N LEU B 316 -24.79 -16.22 -10.44
CA LEU B 316 -24.98 -17.21 -9.39
C LEU B 316 -24.85 -16.60 -8.00
N GLY B 317 -24.17 -15.45 -7.88
CA GLY B 317 -24.06 -14.79 -6.60
C GLY B 317 -24.77 -13.43 -6.58
N ILE B 318 -24.79 -12.81 -5.40
CA ILE B 318 -25.38 -11.51 -5.21
C ILE B 318 -24.27 -10.49 -4.97
N LEU B 319 -24.25 -9.42 -5.76
CA LEU B 319 -23.30 -8.33 -5.55
C LEU B 319 -23.62 -7.56 -4.27
N TYR B 320 -22.64 -7.44 -3.40
CA TYR B 320 -22.84 -6.86 -2.07
C TYR B 320 -22.60 -5.34 -2.10
N THR B 321 -21.45 -4.91 -2.64
CA THR B 321 -21.11 -3.50 -2.77
C THR B 321 -20.58 -3.23 -4.16
N PRO B 322 -20.66 -1.99 -4.67
CA PRO B 322 -20.14 -1.73 -6.00
C PRO B 322 -18.65 -1.97 -6.14
N ALA B 323 -18.15 -1.85 -7.39
CA ALA B 323 -16.72 -1.96 -7.64
C ALA B 323 -16.04 -0.64 -7.31
N LEU B 324 -15.05 -0.67 -6.42
CA LEU B 324 -14.38 0.54 -5.94
C LEU B 324 -12.87 0.30 -5.88
N LYS B 325 -12.10 1.29 -6.26
CA LYS B 325 -10.64 1.20 -6.24
C LYS B 325 -10.15 1.39 -4.81
N VAL B 326 -9.52 0.38 -4.25
CA VAL B 326 -9.05 0.45 -2.87
C VAL B 326 -7.57 0.07 -2.77
N MET B 327 -7.14 -0.98 -3.45
CA MET B 327 -5.88 -1.62 -3.14
C MET B 327 -4.68 -0.87 -3.68
N GLU B 328 -3.58 -0.89 -2.89
CA GLU B 328 -2.35 -0.19 -3.26
C GLU B 328 -1.21 -1.16 -3.60
N GLY B 329 -1.38 -2.46 -3.26
CA GLY B 329 -0.32 -3.42 -3.56
C GLY B 329 -0.86 -4.66 -4.27
N HIS B 330 -0.49 -5.83 -3.75
CA HIS B 330 -0.97 -7.09 -4.29
C HIS B 330 -2.43 -7.27 -3.94
N GLY B 331 -3.17 -7.93 -4.83
CA GLY B 331 -4.55 -8.31 -4.59
C GLY B 331 -4.67 -9.32 -3.47
N GLU B 332 -5.90 -9.68 -3.14
CA GLU B 332 -6.18 -10.65 -2.09
C GLU B 332 -7.61 -11.18 -2.19
N VAL B 333 -7.90 -12.22 -1.42
CA VAL B 333 -9.24 -12.82 -1.38
C VAL B 333 -9.59 -13.09 0.08
N ASN B 334 -10.79 -12.70 0.49
CA ASN B 334 -11.28 -12.98 1.83
C ASN B 334 -12.62 -13.71 1.73
N ILE B 335 -12.64 -14.98 2.13
CA ILE B 335 -13.84 -15.78 2.09
C ILE B 335 -14.31 -16.02 3.51
N LYS B 336 -15.57 -15.67 3.80
CA LYS B 336 -16.09 -15.97 5.12
C LYS B 336 -17.53 -16.43 5.05
N HIS B 337 -17.99 -17.04 6.16
CA HIS B 337 -19.39 -17.38 6.27
C HIS B 337 -20.26 -16.13 6.27
N TYR B 338 -21.20 -16.06 5.33
CA TYR B 338 -22.08 -14.91 5.23
C TYR B 338 -23.08 -14.90 6.39
N LEU B 339 -23.28 -13.69 6.95
CA LEU B 339 -24.15 -13.52 8.09
C LEU B 339 -25.58 -13.43 7.60
N ASN B 340 -26.24 -14.59 7.55
CA ASN B 340 -27.61 -14.69 7.10
C ASN B 340 -28.57 -14.12 8.14
N CYS B 341 -28.93 -12.83 7.98
CA CYS B 341 -29.71 -12.17 9.02
C CYS B 341 -30.98 -11.55 8.46
N SER B 342 -31.73 -12.35 7.71
CA SER B 342 -33.06 -11.96 7.27
C SER B 342 -34.09 -12.05 8.41
N HIS B 343 -33.66 -12.44 9.61
CA HIS B 343 -34.56 -12.56 10.74
C HIS B 343 -35.04 -11.21 11.23
N CYS B 344 -34.22 -10.18 11.07
CA CYS B 344 -34.65 -8.83 11.42
C CYS B 344 -35.42 -8.20 10.26
N GLU B 345 -36.13 -7.11 10.56
CA GLU B 345 -37.03 -6.50 9.59
C GLU B 345 -36.25 -5.94 8.39
N VAL B 346 -35.12 -5.29 8.68
CA VAL B 346 -34.30 -4.72 7.62
C VAL B 346 -33.37 -5.80 7.09
N ASP B 347 -33.15 -5.81 5.78
CA ASP B 347 -32.38 -6.85 5.13
C ASP B 347 -30.87 -6.78 5.43
N GLU B 348 -30.41 -5.70 6.08
CA GLU B 348 -29.00 -5.48 6.33
C GLU B 348 -28.71 -5.46 7.82
N CYS B 349 -27.56 -6.05 8.21
CA CYS B 349 -27.14 -6.13 9.60
C CYS B 349 -25.63 -6.31 9.64
N HIS B 350 -25.09 -6.42 10.85
CA HIS B 350 -23.61 -6.56 10.99
C HIS B 350 -23.27 -7.21 12.34
N MET B 351 -22.01 -7.62 12.50
CA MET B 351 -21.57 -8.25 13.77
C MET B 351 -20.80 -7.21 14.59
N ASP B 352 -21.20 -7.02 15.85
CA ASP B 352 -20.48 -6.08 16.74
C ASP B 352 -19.13 -6.67 17.13
N PRO B 353 -18.01 -5.95 16.97
CA PRO B 353 -16.72 -6.45 17.42
C PRO B 353 -16.77 -6.61 18.93
N GLU B 354 -17.41 -5.66 19.62
CA GLU B 354 -17.48 -5.69 21.10
C GLU B 354 -18.35 -6.87 21.57
N SER B 355 -19.53 -7.06 20.96
CA SER B 355 -20.45 -8.13 21.44
C SER B 355 -20.71 -9.15 20.32
N HIS B 356 -20.61 -10.44 20.65
CA HIS B 356 -20.82 -11.51 19.63
C HIS B 356 -22.26 -11.50 19.14
N LYS B 357 -23.11 -10.68 19.77
CA LYS B 357 -24.53 -10.55 19.32
C LYS B 357 -24.59 -9.80 17.98
N VAL B 358 -25.44 -10.25 17.06
CA VAL B 358 -25.60 -9.56 15.75
C VAL B 358 -26.38 -8.25 15.98
N ILE B 359 -26.07 -7.21 15.20
CA ILE B 359 -26.79 -5.91 15.35
C ILE B 359 -27.48 -5.55 14.03
N CYS B 360 -28.82 -5.52 14.02
CA CYS B 360 -29.54 -5.11 12.82
C CYS B 360 -29.97 -3.67 12.99
N PHE B 361 -29.68 -2.84 11.98
CA PHE B 361 -29.91 -1.40 12.08
C PHE B 361 -31.13 -0.99 11.26
N CYS B 362 -31.57 0.25 11.46
CA CYS B 362 -32.72 0.78 10.69
C CYS B 362 -32.30 2.07 9.98
N ASP B 363 -32.56 2.18 8.67
CA ASP B 363 -32.20 3.40 7.91
C ASP B 363 -33.35 4.41 8.00
N HIS B 364 -33.26 5.51 7.25
CA HIS B 364 -34.33 6.55 7.25
C HIS B 364 -34.53 7.11 8.66
N GLY B 365 -33.48 7.08 9.48
CA GLY B 365 -33.55 7.64 10.85
C GLY B 365 -34.43 6.81 11.76
N THR B 366 -34.78 5.58 11.36
CA THR B 366 -35.57 4.69 12.22
C THR B 366 -34.66 4.10 13.29
N VAL B 367 -35.24 3.68 14.42
CA VAL B 367 -34.41 3.16 15.54
C VAL B 367 -34.85 1.72 15.87
N LEU B 368 -33.90 0.79 15.98
CA LEU B 368 -34.23 -0.62 16.28
C LEU B 368 -35.05 -0.70 17.57
N ALA B 369 -36.17 -1.44 17.55
CA ALA B 369 -36.99 -1.62 18.74
C ALA B 369 -36.27 -2.52 19.74
N GLU B 370 -36.90 -2.72 20.90
CA GLU B 370 -36.35 -3.54 21.96
C GLU B 370 -36.29 -5.02 21.56
N ASP B 371 -37.10 -5.43 20.59
CA ASP B 371 -37.11 -6.81 20.13
C ASP B 371 -35.85 -7.15 19.33
N GLY B 372 -35.17 -6.13 18.78
CA GLY B 372 -33.95 -6.35 18.02
C GLY B 372 -34.20 -6.69 16.55
N VAL B 373 -35.46 -6.62 16.11
CA VAL B 373 -35.81 -6.88 14.70
C VAL B 373 -36.55 -5.68 14.15
N SER B 374 -37.56 -5.25 14.91
CA SER B 374 -38.47 -4.18 14.51
C SER B 374 -37.71 -2.85 14.48
N CYS B 375 -38.35 -1.84 13.90
CA CYS B 375 -37.78 -0.49 13.82
C CYS B 375 -38.78 0.52 14.40
N ILE B 376 -38.26 1.60 14.95
CA ILE B 376 -39.08 2.66 15.52
C ILE B 376 -38.41 4.02 15.28
N MET C 69 -14.60 7.44 18.41
CA MET C 69 -13.25 6.92 18.78
C MET C 69 -12.53 6.38 17.54
N LYS C 70 -13.29 5.82 16.60
CA LYS C 70 -12.75 5.35 15.33
C LYS C 70 -13.45 5.98 14.14
N ASP C 71 -14.07 7.15 14.36
CA ASP C 71 -14.91 7.78 13.34
C ASP C 71 -14.40 9.17 13.00
N LYS C 72 -13.87 9.90 14.00
CA LYS C 72 -13.27 11.21 13.76
C LYS C 72 -12.01 11.06 12.90
N PHE C 73 -11.22 10.01 13.16
CA PHE C 73 -10.02 9.75 12.38
C PHE C 73 -10.38 9.45 10.91
N LEU C 74 -11.39 8.62 10.74
CA LEU C 74 -11.85 8.30 9.40
C LEU C 74 -12.43 9.53 8.74
N LYS C 75 -13.09 10.39 9.53
CA LYS C 75 -13.65 11.63 8.99
C LYS C 75 -12.53 12.56 8.51
N HIS C 76 -11.43 12.62 9.27
CA HIS C 76 -10.28 13.43 8.90
C HIS C 76 -9.66 12.93 7.61
N LEU C 77 -9.51 11.60 7.49
CA LEU C 77 -8.92 11.02 6.29
C LEU C 77 -9.83 11.31 5.09
N THR C 78 -11.15 11.13 5.28
CA THR C 78 -12.08 11.13 4.17
C THR C 78 -12.41 12.56 3.77
N GLY C 79 -13.00 13.33 4.70
CA GLY C 79 -13.43 14.69 4.41
C GLY C 79 -14.95 14.77 4.30
N PRO C 80 -15.49 15.95 3.93
CA PRO C 80 -16.94 16.15 3.92
C PRO C 80 -17.65 15.50 2.74
N LEU C 81 -17.98 14.21 2.91
CA LEU C 81 -18.72 13.46 1.90
C LEU C 81 -20.10 13.06 2.41
N TYR C 82 -21.11 13.24 1.56
CA TYR C 82 -22.50 13.03 1.93
C TYR C 82 -23.03 11.79 1.21
N PHE C 83 -23.96 11.09 1.85
CA PHE C 83 -24.45 9.80 1.37
C PHE C 83 -25.98 9.81 1.29
N SER C 84 -26.51 9.28 0.17
CA SER C 84 -27.94 9.09 -0.03
C SER C 84 -28.41 7.82 0.69
N PRO C 85 -29.72 7.65 0.93
CA PRO C 85 -30.22 6.46 1.64
C PRO C 85 -29.79 5.08 1.13
N LYS C 86 -29.92 4.83 -0.18
CA LYS C 86 -29.39 3.59 -0.75
C LYS C 86 -27.86 3.55 -0.57
N CYS C 87 -27.25 4.71 -0.84
CA CYS C 87 -25.83 4.85 -0.61
C CYS C 87 -25.54 4.66 0.87
N SER C 88 -26.48 4.99 1.75
CA SER C 88 -26.28 4.79 3.18
C SER C 88 -26.30 3.30 3.51
N LYS C 89 -27.12 2.54 2.78
CA LYS C 89 -27.10 1.09 2.94
C LYS C 89 -25.74 0.51 2.54
N HIS C 90 -25.24 0.93 1.37
CA HIS C 90 -23.92 0.49 0.94
C HIS C 90 -22.83 0.99 1.91
N PHE C 91 -23.03 2.20 2.45
CA PHE C 91 -22.14 2.78 3.43
C PHE C 91 -22.06 1.89 4.66
N HIS C 92 -23.22 1.43 5.13
CA HIS C 92 -23.24 0.54 6.28
C HIS C 92 -22.49 -0.74 5.96
N ARG C 93 -22.71 -1.28 4.75
CA ARG C 93 -22.04 -2.51 4.35
C ARG C 93 -20.52 -2.36 4.38
N LEU C 94 -19.98 -1.32 3.74
CA LEU C 94 -18.53 -1.10 3.76
C LEU C 94 -18.03 -0.80 5.18
N TYR C 95 -18.80 -0.03 5.95
CA TYR C 95 -18.36 0.47 7.24
C TYR C 95 -18.34 -0.63 8.30
N HIS C 96 -19.22 -1.63 8.19
CA HIS C 96 -19.34 -2.62 9.25
C HIS C 96 -18.99 -4.04 8.82
N ASN C 97 -19.31 -4.43 7.59
CA ASN C 97 -19.18 -5.82 7.18
C ASN C 97 -17.99 -6.05 6.23
N THR C 98 -17.23 -5.00 5.92
CA THR C 98 -15.99 -5.12 5.16
C THR C 98 -14.82 -4.95 6.11
N ARG C 99 -13.88 -5.89 6.07
CA ARG C 99 -12.78 -5.91 7.04
C ARG C 99 -11.77 -4.79 6.82
N ASP C 100 -11.85 -4.08 5.69
CA ASP C 100 -11.06 -2.85 5.50
C ASP C 100 -11.40 -1.79 6.54
N CYS C 101 -12.69 -1.70 6.91
CA CYS C 101 -13.13 -0.71 7.86
C CYS C 101 -13.25 -1.25 9.28
N THR C 102 -13.05 -2.56 9.49
CA THR C 102 -13.20 -3.09 10.85
C THR C 102 -11.90 -2.99 11.64
N ILE C 103 -10.85 -3.63 11.12
CA ILE C 103 -9.56 -3.62 11.79
C ILE C 103 -8.91 -2.26 11.58
N PRO C 104 -8.20 -1.72 12.60
CA PRO C 104 -7.65 -0.37 12.49
C PRO C 104 -6.56 -0.19 11.43
N ALA C 105 -5.85 -1.24 11.05
CA ALA C 105 -4.65 -1.04 10.23
C ALA C 105 -4.97 -0.81 8.75
N TYR C 106 -6.24 -0.89 8.33
CA TYR C 106 -6.58 -0.70 6.94
C TYR C 106 -7.44 0.54 6.68
N TYR C 107 -7.43 1.50 7.62
CA TYR C 107 -8.30 2.65 7.53
C TYR C 107 -8.09 3.45 6.25
N LYS C 108 -6.84 3.62 5.80
CA LYS C 108 -6.57 4.25 4.52
C LYS C 108 -7.40 3.56 3.44
N ARG C 109 -7.26 2.23 3.35
CA ARG C 109 -8.06 1.43 2.43
C ARG C 109 -9.53 1.75 2.62
N CYS C 110 -9.98 1.67 3.87
CA CYS C 110 -11.35 1.99 4.21
C CYS C 110 -11.70 3.36 3.68
N ALA C 111 -10.89 4.36 4.05
CA ALA C 111 -11.17 5.72 3.66
C ALA C 111 -11.28 5.80 2.12
N ARG C 112 -10.31 5.15 1.43
CA ARG C 112 -10.30 5.15 -0.01
C ARG C 112 -11.65 4.65 -0.52
N LEU C 113 -12.10 3.52 0.03
CA LEU C 113 -13.38 2.92 -0.36
C LEU C 113 -14.48 3.94 -0.24
N LEU C 114 -14.56 4.56 0.94
CA LEU C 114 -15.62 5.53 1.21
C LEU C 114 -15.56 6.65 0.15
N THR C 115 -14.36 7.14 -0.14
CA THR C 115 -14.21 8.20 -1.09
C THR C 115 -14.82 7.76 -2.41
N ARG C 116 -14.41 6.59 -2.90
CA ARG C 116 -14.87 6.13 -4.18
C ARG C 116 -16.38 5.96 -4.17
N LEU C 117 -16.94 5.56 -3.02
CA LEU C 117 -18.38 5.40 -2.93
C LEU C 117 -19.06 6.74 -3.20
N ALA C 118 -18.53 7.83 -2.65
CA ALA C 118 -19.13 9.14 -2.85
C ALA C 118 -18.99 9.58 -4.31
N VAL C 119 -18.07 9.00 -5.07
CA VAL C 119 -17.88 9.43 -6.44
C VAL C 119 -19.04 8.93 -7.29
N SER C 120 -19.59 7.75 -6.95
CA SER C 120 -20.67 7.14 -7.72
C SER C 120 -21.89 8.05 -7.68
N PRO C 121 -22.63 8.19 -8.80
CA PRO C 121 -23.81 9.07 -8.82
C PRO C 121 -24.97 8.59 -7.96
N VAL C 122 -24.94 7.32 -7.51
CA VAL C 122 -25.95 6.83 -6.58
C VAL C 122 -25.81 7.51 -5.22
N CYS C 123 -24.66 8.15 -4.96
CA CYS C 123 -24.39 8.82 -3.71
C CYS C 123 -24.44 10.32 -3.93
N MET C 124 -25.26 11.01 -3.14
CA MET C 124 -25.40 12.45 -3.32
C MET C 124 -24.42 13.20 -2.41
#